data_2Z8U
#
_entry.id   2Z8U
#
_cell.length_a   53.242
_cell.length_b   55.532
_cell.length_c   123.434
_cell.angle_alpha   90.00
_cell.angle_beta   91.05
_cell.angle_gamma   90.00
#
_symmetry.space_group_name_H-M   'P 1 21 1'
#
loop_
_entity.id
_entity.type
_entity.pdbx_description
1 polymer 'TATA-box-binding protein'
2 water water
#
_entity_poly.entity_id   1
_entity_poly.type   'polypeptide(L)'
_entity_poly.pdbx_seq_one_letter_code
;MHHHHHHPMEPEIKIVNVVVSTKIGDNIDLEEVAMILENAEYEPEQFPGLVCRLSVPKVALLIFRSGKVNCTGAKSKEEA
EIAIKKIIKELKDAGIDVIENPEIKIQNMVATADLGIEPNLDDIALMVEGTEYEPEQFPGLVYRLDDPKVVVLIFGSGKV
VITGLKSEEDAKRALKKILDTIKEVQEL
;
_entity_poly.pdbx_strand_id   A,B,P,Q
#
# COMPACT_ATOMS: atom_id res chain seq x y z
N PRO A 11 16.46 5.08 -4.63
CA PRO A 11 16.45 4.86 -6.06
C PRO A 11 15.03 4.76 -6.61
N GLU A 12 14.84 5.17 -7.86
CA GLU A 12 13.51 5.09 -8.47
C GLU A 12 13.23 3.70 -9.04
N ILE A 13 11.96 3.30 -8.92
CA ILE A 13 11.47 2.04 -9.45
C ILE A 13 10.85 2.26 -10.83
N LYS A 14 11.18 1.40 -11.77
CA LYS A 14 10.49 1.38 -13.07
C LYS A 14 9.63 0.12 -13.17
N ILE A 15 8.36 0.28 -13.52
CA ILE A 15 7.50 -0.88 -13.78
C ILE A 15 7.72 -1.29 -15.22
N VAL A 16 8.12 -2.55 -15.43
CA VAL A 16 8.48 -3.02 -16.78
C VAL A 16 7.35 -3.84 -17.41
N ASN A 17 6.61 -4.57 -16.59
CA ASN A 17 5.42 -5.24 -17.06
C ASN A 17 4.43 -5.45 -15.93
N VAL A 18 3.18 -5.61 -16.30
CA VAL A 18 2.17 -5.98 -15.35
C VAL A 18 1.46 -7.22 -15.91
N VAL A 19 0.92 -8.01 -15.01
CA VAL A 19 -0.05 -9.03 -15.36
C VAL A 19 -1.36 -8.62 -14.70
N VAL A 20 -2.45 -8.60 -15.47
CA VAL A 20 -3.75 -8.22 -14.96
C VAL A 20 -4.82 -9.29 -15.23
N SER A 21 -5.77 -9.43 -14.32
CA SER A 21 -6.93 -10.29 -14.54
C SER A 21 -8.24 -9.50 -14.51
N THR A 22 -9.24 -10.02 -15.22
CA THR A 22 -10.56 -9.43 -15.17
C THR A 22 -11.66 -10.46 -15.45
N LYS A 23 -12.89 -9.98 -15.51
CA LYS A 23 -14.04 -10.80 -15.88
C LYS A 23 -14.94 -10.02 -16.81
N ILE A 24 -15.15 -10.58 -17.99
CA ILE A 24 -15.88 -9.88 -19.02
C ILE A 24 -17.32 -10.39 -19.15
N GLY A 25 -17.65 -11.42 -18.37
CA GLY A 25 -19.00 -11.98 -18.33
C GLY A 25 -19.04 -13.30 -17.60
N ASP A 26 -19.93 -14.19 -18.02
CA ASP A 26 -19.90 -15.58 -17.56
C ASP A 26 -20.42 -16.56 -18.61
N ASN A 27 -19.91 -17.79 -18.52
CA ASN A 27 -20.19 -18.87 -19.47
C ASN A 27 -19.99 -18.47 -20.95
N ILE A 28 -18.78 -18.02 -21.27
CA ILE A 28 -18.41 -17.65 -22.63
C ILE A 28 -18.26 -18.91 -23.50
N ASP A 29 -18.78 -18.87 -24.72
CA ASP A 29 -18.51 -19.92 -25.70
C ASP A 29 -17.25 -19.53 -26.49
N LEU A 30 -16.11 -20.14 -26.11
CA LEU A 30 -14.80 -19.77 -26.68
C LEU A 30 -14.65 -20.11 -28.16
N GLU A 31 -15.29 -21.21 -28.59
CA GLU A 31 -15.20 -21.65 -29.99
C GLU A 31 -15.79 -20.61 -30.96
N GLU A 32 -16.83 -19.88 -30.54
CA GLU A 32 -17.40 -18.80 -31.35
C GLU A 32 -16.71 -17.44 -31.18
N VAL A 33 -15.85 -17.33 -30.15
CA VAL A 33 -15.05 -16.12 -29.92
C VAL A 33 -13.91 -16.02 -30.94
N ALA A 34 -13.34 -17.23 -31.29
CA ALA A 34 -12.24 -17.30 -32.27
C ALA A 34 -12.68 -16.84 -33.66
N MET A 35 -14.01 -16.78 -33.86
CA MET A 35 -14.61 -16.32 -35.10
C MET A 35 -14.59 -14.79 -35.17
N ILE A 36 -14.76 -14.14 -34.02
CA ILE A 36 -14.90 -12.68 -33.95
C ILE A 36 -13.55 -11.96 -33.86
N LEU A 37 -12.66 -12.48 -33.01
CA LEU A 37 -11.34 -11.88 -32.81
C LEU A 37 -10.30 -12.48 -33.75
N GLU A 38 -9.71 -11.63 -34.60
CA GLU A 38 -8.58 -12.04 -35.44
C GLU A 38 -7.39 -12.32 -34.52
N ASN A 39 -6.76 -13.47 -34.73
CA ASN A 39 -5.83 -14.08 -33.76
C ASN A 39 -6.61 -14.73 -32.61
N ALA A 40 -6.47 -16.05 -32.49
CA ALA A 40 -7.12 -16.82 -31.41
C ALA A 40 -6.73 -18.29 -31.43
N GLU A 41 -5.60 -18.62 -30.80
CA GLU A 41 -5.15 -20.02 -30.69
C GLU A 41 -5.75 -20.67 -29.44
N GLY A 49 -7.55 -21.63 -22.46
CA GLY A 49 -8.66 -21.16 -23.31
C GLY A 49 -8.21 -20.57 -24.67
N LEU A 50 -8.83 -19.29 -24.89
CA LEU A 50 -8.59 -18.61 -26.16
C LEU A 50 -7.52 -17.53 -26.06
N VAL A 51 -6.42 -17.72 -26.78
CA VAL A 51 -5.28 -16.79 -26.76
C VAL A 51 -5.45 -15.74 -27.86
N CYS A 52 -5.47 -14.47 -27.48
CA CYS A 52 -5.55 -13.37 -28.43
C CYS A 52 -4.39 -12.40 -28.28
N ARG A 53 -3.82 -11.95 -29.40
CA ARG A 53 -2.66 -11.06 -29.36
C ARG A 53 -2.92 -9.74 -30.09
N LEU A 54 -2.81 -8.63 -29.36
CA LEU A 54 -3.03 -7.32 -29.95
C LEU A 54 -1.71 -6.69 -30.32
N SER A 55 -1.74 -5.85 -31.36
CA SER A 55 -0.56 -5.14 -31.82
C SER A 55 -0.43 -3.80 -31.10
N VAL A 56 -1.55 -3.13 -30.88
CA VAL A 56 -1.56 -1.78 -30.27
C VAL A 56 -2.61 -1.69 -29.17
N PRO A 57 -2.18 -1.81 -27.90
CA PRO A 57 -0.83 -2.14 -27.41
C PRO A 57 -0.40 -3.61 -27.67
N LYS A 58 0.90 -3.89 -27.54
CA LYS A 58 1.41 -5.25 -27.71
C LYS A 58 1.21 -6.12 -26.47
N VAL A 59 0.05 -6.77 -26.39
CA VAL A 59 -0.32 -7.59 -25.23
C VAL A 59 -0.98 -8.89 -25.67
N ALA A 60 -0.98 -9.87 -24.77
CA ALA A 60 -1.67 -11.14 -24.99
C ALA A 60 -2.74 -11.39 -23.93
N LEU A 61 -3.84 -12.00 -24.36
CA LEU A 61 -4.97 -12.29 -23.49
C LEU A 61 -5.38 -13.76 -23.55
N LEU A 62 -5.60 -14.35 -22.38
CA LEU A 62 -6.05 -15.74 -22.26
C LEU A 62 -7.45 -15.76 -21.63
N ILE A 63 -8.44 -16.09 -22.45
CA ILE A 63 -9.85 -16.09 -22.04
C ILE A 63 -10.35 -17.51 -21.80
N PHE A 64 -10.92 -17.75 -20.62
CA PHE A 64 -11.57 -19.03 -20.31
C PHE A 64 -13.08 -18.94 -20.55
N ARG A 65 -13.72 -20.09 -20.67
CA ARG A 65 -15.18 -20.16 -20.77
C ARG A 65 -15.82 -19.53 -19.53
N SER A 66 -15.12 -19.62 -18.40
CA SER A 66 -15.60 -19.08 -17.12
C SER A 66 -15.87 -17.58 -17.17
N GLY A 67 -15.22 -16.87 -18.09
CA GLY A 67 -15.38 -15.43 -18.18
C GLY A 67 -14.10 -14.71 -17.76
N LYS A 68 -13.22 -15.47 -17.11
CA LYS A 68 -11.92 -14.96 -16.67
C LYS A 68 -11.05 -14.62 -17.87
N VAL A 69 -10.33 -13.51 -17.73
CA VAL A 69 -9.32 -13.08 -18.68
C VAL A 69 -8.02 -12.87 -17.92
N ASN A 70 -6.93 -13.38 -18.48
CA ASN A 70 -5.59 -13.03 -18.01
C ASN A 70 -4.85 -12.33 -19.13
N CYS A 71 -4.04 -11.35 -18.75
CA CYS A 71 -3.35 -10.53 -19.73
C CYS A 71 -1.90 -10.31 -19.32
N THR A 72 -0.98 -10.61 -20.23
CA THR A 72 0.44 -10.38 -20.03
C THR A 72 0.95 -9.39 -21.09
N GLY A 73 2.09 -8.77 -20.83
CA GLY A 73 2.76 -7.94 -21.83
C GLY A 73 2.58 -6.43 -21.71
N ALA A 74 1.57 -6.00 -20.98
CA ALA A 74 1.33 -4.56 -20.77
C ALA A 74 2.37 -3.90 -19.86
N LYS A 75 2.72 -2.66 -20.20
CA LYS A 75 3.67 -1.86 -19.43
C LYS A 75 3.01 -1.33 -18.17
N SER A 76 1.69 -1.24 -18.18
CA SER A 76 0.93 -0.64 -17.09
C SER A 76 -0.49 -1.17 -17.02
N LYS A 77 -1.13 -0.98 -15.87
CA LYS A 77 -2.56 -1.31 -15.71
C LYS A 77 -3.40 -0.61 -16.80
N GLU A 78 -3.07 0.64 -17.10
CA GLU A 78 -3.85 1.43 -18.07
C GLU A 78 -3.69 0.92 -19.50
N GLU A 79 -2.48 0.47 -19.85
CA GLU A 79 -2.25 -0.15 -21.17
C GLU A 79 -3.05 -1.45 -21.31
N ALA A 80 -3.05 -2.28 -20.27
CA ALA A 80 -3.90 -3.49 -20.20
C ALA A 80 -5.38 -3.18 -20.32
N GLU A 81 -5.81 -2.16 -19.60
CA GLU A 81 -7.20 -1.68 -19.64
C GLU A 81 -7.65 -1.33 -21.05
N ILE A 82 -6.76 -0.68 -21.81
CA ILE A 82 -7.02 -0.34 -23.20
C ILE A 82 -7.25 -1.60 -24.05
N ALA A 83 -6.38 -2.59 -23.88
CA ALA A 83 -6.43 -3.81 -24.69
C ALA A 83 -7.66 -4.66 -24.39
N ILE A 84 -8.01 -4.74 -23.11
CA ILE A 84 -9.19 -5.47 -22.65
C ILE A 84 -10.46 -4.79 -23.15
N LYS A 85 -10.53 -3.47 -22.99
CA LYS A 85 -11.68 -2.68 -23.40
C LYS A 85 -11.94 -2.78 -24.90
N LYS A 86 -10.85 -2.83 -25.67
CA LYS A 86 -10.93 -2.91 -27.12
C LYS A 86 -11.44 -4.27 -27.58
N ILE A 87 -11.03 -5.35 -26.91
CA ILE A 87 -11.56 -6.67 -27.27
C ILE A 87 -12.98 -6.91 -26.73
N ILE A 88 -13.31 -6.28 -25.60
CA ILE A 88 -14.70 -6.23 -25.10
C ILE A 88 -15.64 -5.56 -26.11
N LYS A 89 -15.22 -4.43 -26.65
CA LYS A 89 -16.04 -3.68 -27.61
C LYS A 89 -16.29 -4.47 -28.90
N GLU A 90 -15.38 -5.40 -29.21
CA GLU A 90 -15.53 -6.27 -30.37
C GLU A 90 -16.51 -7.40 -30.09
N LEU A 91 -16.32 -8.05 -28.94
CA LEU A 91 -17.22 -9.10 -28.47
C LEU A 91 -18.66 -8.60 -28.32
N LYS A 92 -18.81 -7.38 -27.76
CA LYS A 92 -20.12 -6.76 -27.57
C LYS A 92 -20.93 -6.67 -28.85
N ASP A 93 -20.27 -6.21 -29.91
CA ASP A 93 -20.97 -5.94 -31.18
C ASP A 93 -21.38 -7.23 -31.91
N ALA A 94 -20.64 -8.31 -31.66
CA ALA A 94 -20.93 -9.61 -32.30
C ALA A 94 -22.11 -10.48 -31.62
N GLY A 95 -22.65 -9.70 -30.45
CA GLY A 95 -23.84 -10.29 -29.80
C GLY A 95 -23.55 -11.02 -28.50
N ILE A 96 -22.27 -11.03 -28.09
CA ILE A 96 -21.88 -11.63 -26.82
C ILE A 96 -22.20 -10.65 -25.69
N ASP A 97 -22.78 -11.23 -24.58
CA ASP A 97 -23.12 -10.42 -23.41
C ASP A 97 -21.88 -10.12 -22.57
N VAL A 98 -21.44 -8.86 -22.58
CA VAL A 98 -20.20 -8.47 -21.86
C VAL A 98 -20.38 -7.34 -20.82
N ILE A 99 -19.43 -7.30 -19.86
CA ILE A 99 -19.34 -6.21 -18.88
C ILE A 99 -18.46 -5.11 -19.48
N GLU A 100 -18.96 -3.88 -19.47
CA GLU A 100 -18.32 -2.77 -20.22
C GLU A 100 -17.12 -2.13 -19.53
N ASN A 101 -17.26 -1.74 -18.27
CA ASN A 101 -16.10 -1.30 -17.48
C ASN A 101 -15.79 -2.31 -16.37
N PRO A 102 -15.12 -3.42 -16.72
CA PRO A 102 -14.91 -4.47 -15.73
C PRO A 102 -13.75 -4.10 -14.83
N GLU A 103 -13.83 -4.53 -13.57
CA GLU A 103 -12.76 -4.29 -12.62
C GLU A 103 -11.52 -5.07 -13.05
N ILE A 104 -10.44 -4.35 -13.32
CA ILE A 104 -9.20 -5.01 -13.65
C ILE A 104 -8.28 -5.02 -12.42
N LYS A 105 -7.63 -6.17 -12.20
CA LYS A 105 -6.89 -6.40 -10.98
C LYS A 105 -5.46 -6.75 -11.31
N ILE A 106 -4.51 -6.09 -10.65
CA ILE A 106 -3.11 -6.44 -10.86
C ILE A 106 -2.81 -7.77 -10.17
N GLN A 107 -2.29 -8.73 -10.92
CA GLN A 107 -1.90 -10.04 -10.39
C GLN A 107 -0.41 -10.18 -10.19
N ASN A 108 0.36 -9.39 -10.95
CA ASN A 108 1.81 -9.43 -10.86
C ASN A 108 2.44 -8.25 -11.59
N MET A 109 3.70 -8.00 -11.23
CA MET A 109 4.56 -7.03 -11.93
C MET A 109 6.00 -7.46 -11.94
N VAL A 110 6.74 -6.88 -12.88
CA VAL A 110 8.17 -6.84 -12.80
C VAL A 110 8.51 -5.36 -12.62
N ALA A 111 9.26 -5.05 -11.57
CA ALA A 111 9.81 -3.71 -11.35
C ALA A 111 11.33 -3.82 -11.37
N THR A 112 12.01 -2.79 -11.89
CA THR A 112 13.47 -2.77 -11.90
C THR A 112 13.98 -1.51 -11.22
N ALA A 113 15.15 -1.63 -10.61
CA ALA A 113 15.80 -0.52 -9.93
C ALA A 113 17.30 -0.70 -10.05
N ASP A 114 18.03 0.32 -9.62
CA ASP A 114 19.47 0.22 -9.52
C ASP A 114 19.85 0.58 -8.08
N LEU A 115 20.53 -0.34 -7.42
CA LEU A 115 20.96 -0.15 -6.02
C LEU A 115 21.82 1.10 -5.91
N GLY A 116 22.60 1.38 -6.95
CA GLY A 116 23.53 2.50 -6.94
C GLY A 116 24.92 2.03 -6.56
N ILE A 117 25.04 0.74 -6.25
CA ILE A 117 26.32 0.10 -6.00
C ILE A 117 26.35 -1.28 -6.65
N GLU A 118 27.54 -1.69 -7.05
CA GLU A 118 27.76 -3.07 -7.44
C GLU A 118 28.04 -3.95 -6.21
N PRO A 119 27.10 -4.85 -5.91
CA PRO A 119 27.19 -5.67 -4.70
C PRO A 119 28.11 -6.91 -4.83
N ASN A 120 28.57 -7.42 -3.69
CA ASN A 120 29.31 -8.67 -3.62
C ASN A 120 28.31 -9.76 -3.34
N LEU A 121 27.98 -10.52 -4.37
CA LEU A 121 26.89 -11.48 -4.28
C LEU A 121 27.25 -12.64 -3.35
N ASP A 122 28.53 -13.02 -3.30
CA ASP A 122 28.98 -14.05 -2.35
C ASP A 122 28.81 -13.58 -0.90
N ASP A 123 29.15 -12.33 -0.65
CA ASP A 123 28.95 -11.72 0.67
C ASP A 123 27.49 -11.73 1.08
N ILE A 124 26.59 -11.27 0.21
CA ILE A 124 25.15 -11.31 0.49
C ILE A 124 24.63 -12.73 0.75
N ALA A 125 25.03 -13.67 -0.10
CA ALA A 125 24.51 -15.03 0.00
C ALA A 125 24.88 -15.70 1.33
N LEU A 126 26.03 -15.32 1.89
CA LEU A 126 26.43 -15.80 3.21
C LEU A 126 25.80 -15.03 4.37
N MET A 127 25.66 -13.71 4.19
CA MET A 127 25.38 -12.81 5.32
C MET A 127 23.90 -12.44 5.43
N VAL A 128 23.13 -12.74 4.39
CA VAL A 128 21.69 -12.51 4.37
C VAL A 128 20.90 -13.81 4.20
N GLU A 129 19.95 -14.02 5.10
CA GLU A 129 19.12 -15.21 5.08
C GLU A 129 18.03 -15.15 4.01
N GLY A 130 17.62 -16.31 3.48
CA GLY A 130 16.64 -16.35 2.38
C GLY A 130 17.18 -15.89 1.05
N THR A 131 18.50 -16.00 0.88
CA THR A 131 19.13 -15.75 -0.40
C THR A 131 19.77 -17.04 -0.89
N GLU A 132 19.88 -17.17 -2.21
CA GLU A 132 20.65 -18.22 -2.84
C GLU A 132 21.42 -17.61 -4.00
N TYR A 133 22.55 -18.24 -4.30
CA TYR A 133 23.43 -17.77 -5.33
C TYR A 133 24.18 -19.00 -5.85
N GLU A 134 24.21 -19.15 -7.15
CA GLU A 134 24.90 -20.26 -7.81
C GLU A 134 25.18 -19.83 -9.24
N PRO A 135 26.27 -19.07 -9.47
CA PRO A 135 26.48 -18.46 -10.80
C PRO A 135 26.51 -19.46 -11.96
N GLU A 136 26.90 -20.70 -11.68
CA GLU A 136 26.93 -21.72 -12.72
C GLU A 136 25.54 -22.19 -13.17
N GLN A 137 24.52 -21.93 -12.36
CA GLN A 137 23.15 -22.36 -12.69
C GLN A 137 22.25 -21.23 -13.19
N PHE A 138 22.43 -20.04 -12.63
CA PHE A 138 21.65 -18.86 -12.98
C PHE A 138 22.51 -17.64 -12.70
N PRO A 139 22.39 -16.57 -13.51
CA PRO A 139 23.15 -15.41 -13.10
C PRO A 139 22.35 -14.66 -12.05
N GLY A 140 23.02 -13.99 -11.12
CA GLY A 140 22.27 -13.22 -10.16
C GLY A 140 21.96 -13.97 -8.89
N LEU A 141 21.68 -13.20 -7.85
CA LEU A 141 21.33 -13.72 -6.57
C LEU A 141 19.81 -13.66 -6.42
N VAL A 142 19.23 -14.71 -5.85
CA VAL A 142 17.78 -14.77 -5.65
C VAL A 142 17.50 -14.44 -4.19
N TYR A 143 16.62 -13.46 -3.98
CA TYR A 143 16.21 -13.04 -2.65
C TYR A 143 14.69 -13.04 -2.49
N ARG A 144 14.20 -13.88 -1.61
CA ARG A 144 12.78 -13.99 -1.29
C ARG A 144 12.44 -13.11 -0.10
N LEU A 145 11.43 -12.25 -0.25
CA LEU A 145 10.88 -11.48 0.86
C LEU A 145 9.50 -12.00 1.22
N ASP A 146 9.15 -11.92 2.50
CA ASP A 146 7.84 -12.37 2.95
C ASP A 146 6.79 -11.26 3.00
N ASP A 147 7.21 -10.01 3.21
CA ASP A 147 6.30 -8.86 3.32
C ASP A 147 6.98 -7.61 2.80
N PRO A 148 6.63 -7.14 1.57
CA PRO A 148 5.68 -7.77 0.63
C PRO A 148 6.25 -9.07 0.07
N LYS A 149 5.35 -9.98 -0.31
CA LYS A 149 5.74 -11.31 -0.72
C LYS A 149 6.23 -11.19 -2.18
N VAL A 150 7.55 -11.05 -2.32
CA VAL A 150 8.16 -10.85 -3.62
C VAL A 150 9.38 -11.75 -3.78
N VAL A 151 9.82 -11.87 -5.03
CA VAL A 151 11.06 -12.57 -5.36
C VAL A 151 11.93 -11.50 -5.99
N VAL A 152 13.13 -11.36 -5.47
CA VAL A 152 14.04 -10.32 -5.97
C VAL A 152 15.23 -11.00 -6.61
N LEU A 153 15.61 -10.54 -7.79
CA LEU A 153 16.88 -10.95 -8.41
C LEU A 153 17.82 -9.76 -8.32
N ILE A 154 19.00 -9.99 -7.72
CA ILE A 154 20.03 -8.95 -7.62
C ILE A 154 21.23 -9.34 -8.46
N PHE A 155 21.60 -8.44 -9.37
CA PHE A 155 22.71 -8.69 -10.29
C PHE A 155 23.95 -7.95 -9.86
N GLY A 156 25.10 -8.45 -10.29
CA GLY A 156 26.38 -7.82 -9.95
C GLY A 156 26.49 -6.37 -10.37
N SER A 157 25.73 -5.98 -11.40
CA SER A 157 25.74 -4.62 -11.91
C SER A 157 25.08 -3.65 -10.93
N GLY A 158 24.37 -4.21 -9.97
CA GLY A 158 23.59 -3.44 -9.03
C GLY A 158 22.13 -3.36 -9.43
N LYS A 159 21.84 -3.74 -10.67
CA LYS A 159 20.47 -3.88 -11.14
C LYS A 159 19.69 -4.89 -10.32
N VAL A 160 18.46 -4.54 -9.98
CA VAL A 160 17.58 -5.47 -9.29
C VAL A 160 16.30 -5.64 -10.09
N VAL A 161 15.73 -6.84 -10.01
CA VAL A 161 14.44 -7.13 -10.64
C VAL A 161 13.53 -7.65 -9.54
N ILE A 162 12.38 -7.02 -9.39
CA ILE A 162 11.42 -7.41 -8.36
C ILE A 162 10.18 -7.99 -9.05
N THR A 163 9.81 -9.22 -8.66
CA THR A 163 8.68 -9.90 -9.24
C THR A 163 7.73 -10.38 -8.12
N GLY A 164 6.51 -10.72 -8.49
CA GLY A 164 5.47 -11.12 -7.54
C GLY A 164 4.68 -9.96 -6.96
N LEU A 165 4.93 -8.75 -7.43
CA LEU A 165 4.32 -7.52 -6.91
C LEU A 165 2.86 -7.35 -7.31
N LYS A 166 2.09 -6.72 -6.43
CA LYS A 166 0.70 -6.38 -6.69
C LYS A 166 0.47 -4.86 -6.74
N SER A 167 1.48 -4.07 -6.39
CA SER A 167 1.36 -2.60 -6.45
C SER A 167 2.72 -1.92 -6.55
N GLU A 168 2.73 -0.67 -7.03
CA GLU A 168 3.94 0.13 -6.99
C GLU A 168 4.37 0.48 -5.57
N GLU A 169 3.41 0.72 -4.68
CA GLU A 169 3.75 0.95 -3.27
C GLU A 169 4.58 -0.21 -2.71
N ASP A 170 4.14 -1.44 -2.99
CA ASP A 170 4.89 -2.64 -2.60
C ASP A 170 6.28 -2.74 -3.21
N ALA A 171 6.44 -2.28 -4.44
CA ALA A 171 7.77 -2.25 -5.07
C ALA A 171 8.71 -1.31 -4.32
N LYS A 172 8.17 -0.16 -3.91
CA LYS A 172 8.89 0.81 -3.09
C LYS A 172 9.27 0.23 -1.73
N ARG A 173 8.32 -0.45 -1.08
CA ARG A 173 8.56 -1.09 0.19
C ARG A 173 9.63 -2.18 0.07
N ALA A 174 9.50 -3.02 -0.96
CA ALA A 174 10.49 -4.04 -1.26
C ALA A 174 11.90 -3.48 -1.41
N LEU A 175 12.06 -2.46 -2.25
CA LEU A 175 13.38 -1.87 -2.50
C LEU A 175 14.02 -1.29 -1.23
N LYS A 176 13.22 -0.59 -0.43
CA LYS A 176 13.71 -0.04 0.84
C LYS A 176 14.31 -1.13 1.71
N LYS A 177 13.60 -2.23 1.84
CA LYS A 177 14.06 -3.37 2.64
C LYS A 177 15.32 -4.01 2.05
N ILE A 178 15.36 -4.16 0.73
CA ILE A 178 16.54 -4.69 0.06
C ILE A 178 17.77 -3.81 0.26
N LEU A 179 17.64 -2.52 -0.03
CA LEU A 179 18.73 -1.58 0.14
C LEU A 179 19.26 -1.57 1.56
N ASP A 180 18.34 -1.59 2.53
CA ASP A 180 18.69 -1.60 3.94
C ASP A 180 19.48 -2.85 4.33
N THR A 181 19.07 -4.01 3.81
CA THR A 181 19.78 -5.27 4.09
C THR A 181 21.16 -5.27 3.44
N ILE A 182 21.26 -4.79 2.21
CA ILE A 182 22.53 -4.72 1.49
C ILE A 182 23.49 -3.63 2.05
N LYS A 183 22.93 -2.56 2.63
CA LYS A 183 23.76 -1.55 3.32
C LYS A 183 24.45 -2.21 4.52
N GLU A 184 23.74 -3.12 5.17
CA GLU A 184 24.27 -3.88 6.31
C GLU A 184 25.37 -4.87 5.90
N VAL A 185 25.37 -5.27 4.63
CA VAL A 185 26.37 -6.18 4.11
C VAL A 185 27.65 -5.45 3.65
N GLN A 186 27.47 -4.32 2.97
CA GLN A 186 28.62 -3.54 2.50
C GLN A 186 28.67 -2.15 3.12
N PRO B 11 13.10 -36.83 -15.49
CA PRO B 11 13.63 -35.71 -14.70
C PRO B 11 13.95 -36.15 -13.28
N GLU B 12 15.16 -35.83 -12.83
CA GLU B 12 15.60 -36.19 -11.50
C GLU B 12 16.25 -35.00 -10.82
N ILE B 13 16.11 -34.91 -9.49
CA ILE B 13 16.68 -33.85 -8.68
C ILE B 13 18.15 -34.10 -8.36
N LYS B 14 18.99 -33.08 -8.60
CA LYS B 14 20.37 -33.07 -8.12
C LYS B 14 20.54 -31.88 -7.19
N ILE B 15 21.05 -32.12 -5.97
CA ILE B 15 21.31 -31.04 -5.03
C ILE B 15 22.68 -30.48 -5.40
N VAL B 16 22.74 -29.18 -5.60
CA VAL B 16 23.97 -28.55 -6.07
C VAL B 16 24.64 -27.83 -4.93
N ASN B 17 23.84 -27.23 -4.05
CA ASN B 17 24.40 -26.65 -2.85
C ASN B 17 23.44 -26.68 -1.68
N VAL B 18 23.97 -26.50 -0.47
CA VAL B 18 23.11 -26.35 0.69
C VAL B 18 23.57 -25.15 1.50
N VAL B 19 22.66 -24.53 2.25
CA VAL B 19 23.01 -23.54 3.26
C VAL B 19 22.61 -24.18 4.59
N VAL B 20 23.50 -24.23 5.56
CA VAL B 20 23.19 -24.82 6.85
C VAL B 20 23.45 -23.82 8.00
N SER B 21 22.77 -24.05 9.12
CA SER B 21 23.07 -23.30 10.35
C SER B 21 23.32 -24.26 11.49
N THR B 22 24.03 -23.75 12.51
CA THR B 22 24.16 -24.48 13.74
C THR B 22 24.56 -23.50 14.84
N LYS B 23 24.75 -24.01 16.05
CA LYS B 23 25.28 -23.24 17.16
C LYS B 23 26.47 -24.00 17.72
N ILE B 24 27.62 -23.34 17.80
CA ILE B 24 28.85 -24.03 18.21
C ILE B 24 29.32 -23.69 19.65
N GLY B 25 28.59 -22.81 20.32
CA GLY B 25 28.99 -22.34 21.66
C GLY B 25 28.06 -21.22 22.08
N ASP B 26 28.45 -20.46 23.13
CA ASP B 26 27.52 -19.55 23.83
C ASP B 26 27.86 -18.06 23.87
N ASN B 27 29.15 -17.73 23.81
CA ASN B 27 29.62 -16.37 24.02
C ASN B 27 31.07 -16.37 23.52
N ILE B 28 31.17 -16.56 22.21
CA ILE B 28 32.42 -16.87 21.52
C ILE B 28 33.23 -15.59 21.34
N ASP B 29 34.51 -15.66 21.71
CA ASP B 29 35.40 -14.51 21.60
C ASP B 29 35.89 -14.47 20.16
N LEU B 30 35.25 -13.65 19.32
CA LEU B 30 35.62 -13.60 17.89
C LEU B 30 37.02 -13.03 17.59
N GLU B 31 37.52 -12.14 18.44
CA GLU B 31 38.91 -11.68 18.30
C GLU B 31 39.93 -12.86 18.35
N GLU B 32 39.75 -13.77 19.30
CA GLU B 32 40.60 -14.96 19.39
C GLU B 32 40.36 -15.94 18.24
N VAL B 33 39.10 -16.08 17.78
CA VAL B 33 38.81 -16.89 16.58
C VAL B 33 39.58 -16.33 15.39
N ALA B 34 39.57 -15.02 15.22
CA ALA B 34 40.33 -14.41 14.12
C ALA B 34 41.84 -14.61 14.24
N MET B 35 42.34 -14.74 15.47
CA MET B 35 43.76 -15.04 15.67
C MET B 35 44.17 -16.41 15.17
N ILE B 36 43.23 -17.34 15.07
CA ILE B 36 43.66 -18.68 14.70
C ILE B 36 43.13 -19.18 13.37
N LEU B 37 41.94 -18.76 12.97
CA LEU B 37 41.45 -19.14 11.65
C LEU B 37 42.18 -18.38 10.55
N GLU B 38 42.76 -19.13 9.61
CA GLU B 38 43.29 -18.53 8.40
C GLU B 38 42.12 -18.12 7.50
N ASN B 39 42.28 -17.03 6.77
CA ASN B 39 41.25 -16.56 5.84
C ASN B 39 40.06 -15.91 6.55
N ALA B 40 40.27 -15.39 7.75
CA ALA B 40 39.19 -14.84 8.58
C ALA B 40 39.10 -13.36 8.38
N GLU B 41 37.88 -12.88 8.13
CA GLU B 41 37.60 -11.45 8.03
C GLU B 41 36.73 -11.06 9.22
N TYR B 42 37.24 -10.16 10.06
CA TYR B 42 36.52 -9.69 11.24
C TYR B 42 36.71 -8.20 11.48
N GLU B 43 35.65 -7.42 11.30
CA GLU B 43 35.66 -5.97 11.49
C GLU B 43 34.49 -5.61 12.38
N PRO B 44 34.66 -5.74 13.70
CA PRO B 44 33.54 -5.63 14.64
C PRO B 44 32.86 -4.24 14.67
N GLU B 45 33.59 -3.20 14.28
CA GLU B 45 33.02 -1.86 14.18
C GLU B 45 32.10 -1.70 12.96
N GLN B 46 32.30 -2.57 11.97
CA GLN B 46 31.54 -2.51 10.73
C GLN B 46 30.39 -3.50 10.74
N PHE B 47 30.67 -4.70 11.26
CA PHE B 47 29.76 -5.83 11.20
C PHE B 47 30.09 -6.81 12.36
N PRO B 48 29.05 -7.33 13.05
CA PRO B 48 29.32 -8.07 14.29
C PRO B 48 29.86 -9.49 14.09
N GLY B 49 29.68 -10.07 12.90
CA GLY B 49 30.04 -11.48 12.65
C GLY B 49 31.42 -11.67 12.05
N LEU B 50 31.97 -12.88 12.19
CA LEU B 50 33.28 -13.20 11.62
C LEU B 50 33.09 -14.10 10.42
N VAL B 51 33.82 -13.82 9.35
CA VAL B 51 33.73 -14.60 8.10
C VAL B 51 34.99 -15.42 7.88
N CYS B 52 34.84 -16.73 7.67
CA CYS B 52 35.95 -17.61 7.34
C CYS B 52 35.65 -18.31 6.00
N ARG B 53 36.55 -18.13 5.04
CA ARG B 53 36.37 -18.70 3.71
C ARG B 53 37.37 -19.81 3.46
N LEU B 54 36.87 -21.05 3.45
CA LEU B 54 37.69 -22.24 3.23
C LEU B 54 37.90 -22.50 1.75
N SER B 55 39.09 -22.97 1.41
CA SER B 55 39.46 -23.25 0.03
C SER B 55 39.15 -24.70 -0.37
N VAL B 56 39.43 -25.64 0.53
CA VAL B 56 39.13 -27.05 0.29
C VAL B 56 38.35 -27.55 1.51
N PRO B 57 37.04 -27.79 1.33
CA PRO B 57 36.26 -27.53 0.11
C PRO B 57 35.90 -26.04 0.05
N LYS B 58 35.38 -25.57 -1.09
CA LYS B 58 35.01 -24.16 -1.25
C LYS B 58 33.75 -23.86 -0.43
N VAL B 59 33.94 -23.63 0.86
CA VAL B 59 32.81 -23.30 1.74
C VAL B 59 33.16 -22.07 2.58
N ALA B 60 32.14 -21.33 3.01
CA ALA B 60 32.33 -20.15 3.81
C ALA B 60 31.47 -20.25 5.06
N LEU B 61 31.99 -19.73 6.17
CA LEU B 61 31.27 -19.75 7.44
C LEU B 61 31.15 -18.34 7.97
N LEU B 62 30.01 -18.04 8.56
CA LEU B 62 29.78 -16.79 9.26
C LEU B 62 29.56 -17.17 10.71
N ILE B 63 30.40 -16.64 11.59
CA ILE B 63 30.35 -16.99 13.00
C ILE B 63 30.00 -15.78 13.86
N PHE B 64 29.01 -15.93 14.74
CA PHE B 64 28.60 -14.85 15.64
C PHE B 64 29.05 -15.10 17.09
N ARG B 65 29.15 -14.04 17.89
CA ARG B 65 29.43 -14.13 19.32
C ARG B 65 28.42 -15.04 20.06
N SER B 66 27.16 -15.03 19.63
CA SER B 66 26.12 -15.94 20.17
C SER B 66 26.44 -17.43 20.00
N GLY B 67 27.38 -17.74 19.11
CA GLY B 67 27.68 -19.13 18.78
C GLY B 67 26.98 -19.59 17.51
N LYS B 68 26.04 -18.78 17.01
CA LYS B 68 25.38 -19.07 15.73
C LYS B 68 26.39 -19.09 14.58
N VAL B 69 26.25 -20.08 13.71
CA VAL B 69 27.08 -20.25 12.54
C VAL B 69 26.14 -20.45 11.33
N ASN B 70 26.44 -19.76 10.23
CA ASN B 70 25.80 -19.98 8.94
C ASN B 70 26.89 -20.39 7.97
N CYS B 71 26.60 -21.35 7.10
CA CYS B 71 27.61 -21.93 6.24
C CYS B 71 27.04 -22.16 4.85
N THR B 72 27.76 -21.65 3.85
CA THR B 72 27.36 -21.69 2.45
C THR B 72 28.45 -22.38 1.65
N GLY B 73 28.09 -22.90 0.47
CA GLY B 73 29.07 -23.40 -0.47
C GLY B 73 29.15 -24.92 -0.55
N ALA B 74 28.76 -25.60 0.52
CA ALA B 74 28.83 -27.06 0.56
C ALA B 74 27.85 -27.70 -0.43
N LYS B 75 28.23 -28.86 -0.94
CA LYS B 75 27.43 -29.60 -1.91
C LYS B 75 26.31 -30.37 -1.18
N SER B 76 26.51 -30.63 0.10
CA SER B 76 25.60 -31.43 0.93
C SER B 76 25.71 -31.00 2.40
N LYS B 77 24.68 -31.35 3.18
CA LYS B 77 24.71 -31.18 4.63
C LYS B 77 25.93 -31.83 5.26
N GLU B 78 26.28 -33.03 4.80
CA GLU B 78 27.42 -33.75 5.37
C GLU B 78 28.72 -33.06 5.09
N GLU B 79 28.89 -32.58 3.86
CA GLU B 79 30.11 -31.83 3.52
C GLU B 79 30.27 -30.60 4.42
N ALA B 80 29.17 -29.89 4.61
CA ALA B 80 29.12 -28.73 5.50
C ALA B 80 29.50 -29.12 6.92
N GLU B 81 28.91 -30.20 7.44
CA GLU B 81 29.22 -30.65 8.82
C GLU B 81 30.71 -30.97 9.01
N ILE B 82 31.29 -31.62 8.01
CA ILE B 82 32.72 -31.93 8.03
C ILE B 82 33.56 -30.64 8.15
N ALA B 83 33.25 -29.66 7.30
CA ALA B 83 33.91 -28.36 7.36
C ALA B 83 33.76 -27.69 8.70
N ILE B 84 32.53 -27.70 9.22
CA ILE B 84 32.25 -27.08 10.53
C ILE B 84 33.04 -27.78 11.64
N LYS B 85 33.04 -29.12 11.64
CA LYS B 85 33.78 -29.82 12.68
C LYS B 85 35.32 -29.56 12.65
N LYS B 86 35.86 -29.29 11.47
CA LYS B 86 37.28 -28.97 11.31
C LYS B 86 37.60 -27.65 11.97
N ILE B 87 36.72 -26.67 11.74
CA ILE B 87 36.81 -25.36 12.39
C ILE B 87 36.67 -25.48 13.92
N ILE B 88 35.67 -26.25 14.37
CA ILE B 88 35.45 -26.54 15.81
C ILE B 88 36.72 -27.11 16.47
N LYS B 89 37.33 -28.10 15.82
CA LYS B 89 38.58 -28.67 16.34
C LYS B 89 39.66 -27.61 16.52
N GLU B 90 39.84 -26.71 15.54
CA GLU B 90 40.83 -25.65 15.71
C GLU B 90 40.54 -24.78 16.90
N LEU B 91 39.28 -24.34 17.03
CA LEU B 91 38.88 -23.51 18.17
C LEU B 91 39.04 -24.26 19.50
N LYS B 92 38.62 -25.53 19.54
CA LYS B 92 38.84 -26.36 20.72
C LYS B 92 40.34 -26.47 21.06
N ASP B 93 41.15 -26.74 20.05
CA ASP B 93 42.60 -26.86 20.22
C ASP B 93 43.18 -25.55 20.76
N ALA B 94 42.63 -24.43 20.27
CA ALA B 94 43.03 -23.09 20.72
C ALA B 94 42.61 -22.76 22.15
N GLY B 95 41.77 -23.60 22.75
CA GLY B 95 41.31 -23.36 24.11
C GLY B 95 40.02 -22.55 24.14
N ILE B 96 39.37 -22.43 22.99
CA ILE B 96 38.09 -21.72 22.89
C ILE B 96 36.97 -22.69 23.17
N ASP B 97 36.09 -22.31 24.08
CA ASP B 97 35.03 -23.19 24.51
C ASP B 97 33.98 -23.37 23.41
N VAL B 98 33.88 -24.60 22.89
CA VAL B 98 32.94 -24.94 21.80
C VAL B 98 32.20 -26.26 22.03
N ILE B 99 31.03 -26.39 21.42
CA ILE B 99 30.25 -27.63 21.44
C ILE B 99 30.88 -28.50 20.35
N GLU B 100 31.27 -29.73 20.68
CA GLU B 100 31.94 -30.60 19.71
C GLU B 100 30.99 -31.41 18.83
N ASN B 101 29.75 -31.55 19.29
CA ASN B 101 28.74 -32.33 18.58
C ASN B 101 27.50 -31.56 18.14
N PRO B 102 27.67 -30.46 17.35
CA PRO B 102 26.49 -29.65 17.05
C PRO B 102 25.61 -30.29 16.00
N GLU B 103 24.30 -30.06 16.07
CA GLU B 103 23.40 -30.53 15.03
C GLU B 103 23.34 -29.53 13.88
N ILE B 104 23.62 -30.00 12.67
CA ILE B 104 23.64 -29.15 11.50
C ILE B 104 22.23 -29.13 10.87
N LYS B 105 21.64 -27.93 10.72
CA LYS B 105 20.27 -27.75 10.17
C LYS B 105 20.31 -27.19 8.74
N ILE B 106 19.57 -27.80 7.82
CA ILE B 106 19.49 -27.24 6.48
C ILE B 106 18.59 -26.00 6.49
N GLN B 107 19.12 -24.88 6.00
CA GLN B 107 18.34 -23.66 5.88
C GLN B 107 17.85 -23.42 4.45
N ASN B 108 18.68 -23.80 3.49
CA ASN B 108 18.34 -23.61 2.06
C ASN B 108 19.08 -24.65 1.23
N MET B 109 18.58 -24.90 0.02
CA MET B 109 19.27 -25.77 -0.95
C MET B 109 18.97 -25.28 -2.35
N VAL B 110 19.91 -25.49 -3.26
CA VAL B 110 19.67 -25.29 -4.69
C VAL B 110 19.61 -26.70 -5.26
N ALA B 111 18.51 -27.02 -5.95
CA ALA B 111 18.37 -28.27 -6.67
C ALA B 111 18.18 -27.92 -8.14
N THR B 112 18.69 -28.79 -9.01
CA THR B 112 18.50 -28.65 -10.43
C THR B 112 17.91 -29.94 -11.02
N ALA B 113 17.20 -29.75 -12.14
CA ALA B 113 16.65 -30.86 -12.89
C ALA B 113 16.50 -30.43 -14.36
N ASP B 114 16.23 -31.38 -15.22
CA ASP B 114 16.05 -31.05 -16.62
C ASP B 114 14.69 -31.56 -17.03
N LEU B 115 13.91 -30.67 -17.64
CA LEU B 115 12.53 -31.00 -18.01
C LEU B 115 12.46 -32.10 -19.08
N GLY B 116 13.49 -32.20 -19.92
CA GLY B 116 13.46 -33.16 -21.06
C GLY B 116 12.86 -32.53 -22.31
N ILE B 117 12.33 -31.32 -22.15
CA ILE B 117 11.82 -30.51 -23.26
C ILE B 117 12.34 -29.09 -23.17
N GLU B 118 12.37 -28.41 -24.30
CA GLU B 118 12.69 -26.99 -24.36
C GLU B 118 11.37 -26.20 -24.28
N PRO B 119 11.04 -25.67 -23.08
CA PRO B 119 9.73 -25.07 -22.83
C PRO B 119 9.49 -23.77 -23.57
N ASN B 120 8.23 -23.53 -23.94
CA ASN B 120 7.82 -22.24 -24.49
C ASN B 120 7.50 -21.36 -23.30
N LEU B 121 8.49 -20.58 -22.87
CA LEU B 121 8.33 -19.72 -21.70
C LEU B 121 7.21 -18.66 -21.84
N ASP B 122 7.02 -18.11 -23.03
CA ASP B 122 5.92 -17.15 -23.26
C ASP B 122 4.55 -17.80 -23.03
N ASP B 123 4.39 -19.04 -23.50
CA ASP B 123 3.19 -19.84 -23.20
C ASP B 123 2.95 -20.01 -21.71
N ILE B 124 4.01 -20.38 -20.99
CA ILE B 124 3.92 -20.62 -19.55
C ILE B 124 3.57 -19.30 -18.83
N ALA B 125 4.21 -18.20 -19.23
CA ALA B 125 4.01 -16.91 -18.58
C ALA B 125 2.55 -16.45 -18.67
N LEU B 126 1.88 -16.86 -19.72
CA LEU B 126 0.48 -16.51 -19.94
C LEU B 126 -0.48 -17.49 -19.22
N MET B 127 -0.15 -18.78 -19.28
CA MET B 127 -1.08 -19.86 -18.89
C MET B 127 -0.97 -20.32 -17.43
N VAL B 128 0.16 -20.03 -16.80
CA VAL B 128 0.42 -20.48 -15.44
C VAL B 128 0.49 -19.26 -14.50
N GLU B 129 -0.32 -19.30 -13.44
CA GLU B 129 -0.41 -18.15 -12.55
C GLU B 129 0.79 -18.11 -11.61
N GLY B 130 1.12 -16.91 -11.15
CA GLY B 130 2.29 -16.70 -10.30
C GLY B 130 3.62 -16.91 -11.02
N THR B 131 3.62 -16.70 -12.34
CA THR B 131 4.85 -16.78 -13.14
C THR B 131 5.20 -15.39 -13.65
N GLU B 132 6.49 -15.12 -13.82
CA GLU B 132 6.94 -13.93 -14.54
C GLU B 132 8.07 -14.28 -15.49
N TYR B 133 8.15 -13.51 -16.55
CA TYR B 133 9.11 -13.75 -17.61
C TYR B 133 9.33 -12.43 -18.31
N GLU B 134 10.58 -11.99 -18.28
CA GLU B 134 11.00 -10.75 -18.94
C GLU B 134 12.40 -10.95 -19.45
N PRO B 135 12.56 -11.60 -20.63
CA PRO B 135 13.89 -11.99 -21.11
C PRO B 135 14.89 -10.83 -21.25
N GLU B 136 14.41 -9.61 -21.45
CA GLU B 136 15.29 -8.43 -21.52
C GLU B 136 15.86 -8.04 -20.15
N GLN B 137 15.23 -8.53 -19.07
CA GLN B 137 15.63 -8.14 -17.72
C GLN B 137 16.35 -9.28 -16.99
N PHE B 138 16.03 -10.51 -17.35
CA PHE B 138 16.64 -11.68 -16.72
C PHE B 138 16.35 -12.91 -17.54
N PRO B 139 17.28 -13.88 -17.54
CA PRO B 139 17.02 -15.09 -18.29
C PRO B 139 16.12 -16.02 -17.46
N GLY B 140 15.23 -16.76 -18.10
CA GLY B 140 14.41 -17.74 -17.36
C GLY B 140 13.09 -17.17 -16.91
N LEU B 141 12.15 -18.07 -16.66
CA LEU B 141 10.86 -17.75 -16.10
C LEU B 141 10.86 -18.03 -14.58
N VAL B 142 10.28 -17.10 -13.82
CA VAL B 142 10.22 -17.21 -12.36
C VAL B 142 8.84 -17.72 -11.94
N TYR B 143 8.86 -18.74 -11.10
CA TYR B 143 7.65 -19.42 -10.70
C TYR B 143 7.73 -19.67 -9.19
N ARG B 144 6.84 -19.08 -8.44
CA ARG B 144 6.85 -19.30 -6.99
C ARG B 144 5.85 -20.39 -6.59
N LEU B 145 6.27 -21.35 -5.78
CA LEU B 145 5.35 -22.37 -5.24
C LEU B 145 5.08 -22.12 -3.75
N ASP B 146 3.88 -22.47 -3.30
CA ASP B 146 3.53 -22.30 -1.89
C ASP B 146 3.59 -23.60 -1.10
N ASP B 147 3.65 -24.73 -1.79
CA ASP B 147 3.88 -26.02 -1.16
C ASP B 147 4.60 -27.01 -2.09
N PRO B 148 5.89 -27.28 -1.83
CA PRO B 148 6.67 -26.64 -0.77
C PRO B 148 6.91 -25.17 -1.10
N LYS B 149 7.29 -24.39 -0.10
CA LYS B 149 7.53 -22.97 -0.28
C LYS B 149 8.89 -22.80 -0.95
N VAL B 150 8.87 -22.72 -2.28
CA VAL B 150 10.10 -22.66 -3.07
C VAL B 150 10.00 -21.63 -4.19
N VAL B 151 11.14 -21.22 -4.72
CA VAL B 151 11.19 -20.38 -5.90
C VAL B 151 11.81 -21.20 -6.98
N VAL B 152 11.14 -21.24 -8.13
CA VAL B 152 11.60 -22.06 -9.26
C VAL B 152 11.98 -21.15 -10.42
N LEU B 153 13.11 -21.45 -11.07
CA LEU B 153 13.48 -20.78 -12.31
C LEU B 153 13.52 -21.83 -13.41
N ILE B 154 12.83 -21.56 -14.49
CA ILE B 154 12.78 -22.47 -15.62
C ILE B 154 13.41 -21.79 -16.82
N PHE B 155 14.36 -22.48 -17.45
CA PHE B 155 15.09 -21.93 -18.59
C PHE B 155 14.64 -22.54 -19.92
N GLY B 156 14.81 -21.80 -21.01
CA GLY B 156 14.42 -22.26 -22.37
C GLY B 156 15.12 -23.55 -22.76
N SER B 157 16.24 -23.83 -22.11
CA SER B 157 17.00 -25.07 -22.37
C SER B 157 16.28 -26.31 -21.83
N GLY B 158 15.36 -26.11 -20.87
CA GLY B 158 14.77 -27.23 -20.14
C GLY B 158 15.33 -27.36 -18.72
N LYS B 159 16.43 -26.68 -18.42
CA LYS B 159 16.97 -26.65 -17.04
C LYS B 159 15.99 -25.96 -16.09
N VAL B 160 15.86 -26.54 -14.90
CA VAL B 160 14.99 -26.01 -13.84
C VAL B 160 15.87 -25.90 -12.61
N VAL B 161 15.76 -24.78 -11.91
CA VAL B 161 16.50 -24.60 -10.66
C VAL B 161 15.44 -24.36 -9.60
N ILE B 162 15.52 -25.12 -8.51
CA ILE B 162 14.59 -24.92 -7.40
C ILE B 162 15.37 -24.39 -6.19
N THR B 163 14.91 -23.27 -5.60
CA THR B 163 15.58 -22.68 -4.43
C THR B 163 14.62 -22.53 -3.27
N GLY B 164 15.13 -22.27 -2.07
CA GLY B 164 14.28 -22.11 -0.91
C GLY B 164 13.93 -23.43 -0.23
N LEU B 165 14.56 -24.50 -0.69
CA LEU B 165 14.32 -25.86 -0.19
C LEU B 165 14.86 -26.14 1.20
N LYS B 166 14.08 -26.89 1.97
CA LYS B 166 14.51 -27.35 3.31
C LYS B 166 14.89 -28.82 3.33
N SER B 167 14.59 -29.53 2.23
CA SER B 167 14.90 -30.95 2.18
C SER B 167 14.89 -31.51 0.77
N GLU B 168 15.67 -32.57 0.61
CA GLU B 168 15.73 -33.32 -0.62
C GLU B 168 14.34 -33.90 -0.99
N GLU B 169 13.59 -34.39 0.00
CA GLU B 169 12.21 -34.84 -0.23
C GLU B 169 11.29 -33.74 -0.76
N ASP B 170 11.41 -32.55 -0.19
CA ASP B 170 10.69 -31.38 -0.73
C ASP B 170 11.09 -31.04 -2.16
N ALA B 171 12.36 -31.28 -2.52
CA ALA B 171 12.82 -30.98 -3.90
C ALA B 171 12.10 -31.85 -4.91
N LYS B 172 11.95 -33.12 -4.54
CA LYS B 172 11.22 -34.12 -5.33
C LYS B 172 9.75 -33.71 -5.50
N ARG B 173 9.12 -33.31 -4.41
CA ARG B 173 7.71 -32.86 -4.40
C ARG B 173 7.51 -31.62 -5.29
N ALA B 174 8.48 -30.72 -5.25
CA ALA B 174 8.51 -29.55 -6.11
C ALA B 174 8.63 -29.93 -7.59
N LEU B 175 9.57 -30.83 -7.91
CA LEU B 175 9.73 -31.32 -9.29
C LEU B 175 8.44 -31.92 -9.87
N LYS B 176 7.75 -32.79 -9.12
CA LYS B 176 6.48 -33.38 -9.58
C LYS B 176 5.48 -32.27 -9.97
N LYS B 177 5.36 -31.25 -9.13
CA LYS B 177 4.46 -30.13 -9.39
C LYS B 177 4.84 -29.29 -10.61
N ILE B 178 6.12 -28.99 -10.75
CA ILE B 178 6.61 -28.28 -11.94
C ILE B 178 6.29 -29.09 -13.22
N LEU B 179 6.70 -30.36 -13.23
CA LEU B 179 6.40 -31.25 -14.35
C LEU B 179 4.91 -31.32 -14.70
N ASP B 180 4.06 -31.44 -13.67
CA ASP B 180 2.61 -31.49 -13.86
C ASP B 180 2.07 -30.21 -14.48
N THR B 181 2.67 -29.08 -14.11
CA THR B 181 2.24 -27.79 -14.60
C THR B 181 2.64 -27.62 -16.07
N ILE B 182 3.91 -27.87 -16.38
CA ILE B 182 4.39 -27.81 -17.76
C ILE B 182 3.56 -28.72 -18.71
N LYS B 183 3.25 -29.93 -18.23
CA LYS B 183 2.41 -30.89 -18.96
C LYS B 183 1.12 -30.28 -19.47
N GLU B 184 0.49 -29.46 -18.65
CA GLU B 184 -0.79 -28.84 -19.01
C GLU B 184 -0.64 -27.73 -20.05
N VAL B 185 0.61 -27.40 -20.40
CA VAL B 185 0.93 -26.39 -21.41
C VAL B 185 1.59 -27.06 -22.60
N GLU C 12 -29.50 12.21 -7.28
CA GLU C 12 -29.72 12.07 -5.81
C GLU C 12 -28.88 13.07 -5.00
N ILE C 13 -28.11 13.89 -5.69
CA ILE C 13 -27.25 14.91 -5.07
C ILE C 13 -27.93 16.26 -4.89
N LYS C 14 -27.93 16.73 -3.64
CA LYS C 14 -28.51 18.02 -3.29
C LYS C 14 -27.42 18.96 -2.75
N ILE C 15 -27.38 20.18 -3.28
CA ILE C 15 -26.42 21.18 -2.84
C ILE C 15 -27.07 21.98 -1.72
N VAL C 16 -26.38 22.05 -0.58
CA VAL C 16 -26.93 22.69 0.62
C VAL C 16 -26.32 24.08 0.85
N ASN C 17 -25.05 24.24 0.53
CA ASN C 17 -24.44 25.55 0.53
C ASN C 17 -23.33 25.65 -0.51
N VAL C 18 -23.01 26.89 -0.88
CA VAL C 18 -21.86 27.16 -1.72
C VAL C 18 -20.96 28.20 -1.03
N VAL C 19 -19.70 28.21 -1.44
CA VAL C 19 -18.80 29.31 -1.09
C VAL C 19 -18.36 29.87 -2.43
N VAL C 20 -18.50 31.18 -2.59
CA VAL C 20 -18.14 31.83 -3.84
C VAL C 20 -17.14 32.98 -3.65
N SER C 21 -16.41 33.30 -4.71
CA SER C 21 -15.52 34.46 -4.69
C SER C 21 -15.80 35.33 -5.90
N THR C 22 -15.47 36.60 -5.76
CA THR C 22 -15.59 37.56 -6.86
C THR C 22 -14.61 38.72 -6.67
N LYS C 23 -14.61 39.64 -7.63
CA LYS C 23 -13.76 40.81 -7.62
C LYS C 23 -14.68 41.97 -7.98
N ILE C 24 -14.87 42.91 -7.06
CA ILE C 24 -15.87 43.98 -7.26
C ILE C 24 -15.27 45.36 -7.56
N GLY C 25 -13.95 45.44 -7.56
CA GLY C 25 -13.27 46.71 -7.79
C GLY C 25 -11.78 46.62 -7.46
N ASP C 26 -11.15 47.77 -7.26
CA ASP C 26 -9.71 47.84 -7.03
C ASP C 26 -9.32 48.50 -5.71
N ASN C 27 -9.67 49.76 -5.55
CA ASN C 27 -9.25 50.44 -4.35
C ASN C 27 -10.45 50.76 -3.49
N ILE C 28 -10.83 49.76 -2.70
CA ILE C 28 -12.00 49.87 -1.84
C ILE C 28 -11.63 50.45 -0.49
N ASP C 29 -12.26 51.58 -0.17
CA ASP C 29 -12.16 52.22 1.13
C ASP C 29 -13.10 51.47 2.06
N LEU C 30 -12.54 50.60 2.90
CA LEU C 30 -13.37 49.77 3.76
C LEU C 30 -14.07 50.55 4.85
N GLU C 31 -13.45 51.65 5.30
CA GLU C 31 -14.04 52.56 6.29
C GLU C 31 -15.36 53.15 5.78
N GLU C 32 -15.34 53.60 4.53
CA GLU C 32 -16.55 54.09 3.86
C GLU C 32 -17.62 52.98 3.62
N VAL C 33 -17.17 51.83 3.15
CA VAL C 33 -18.04 50.66 3.01
C VAL C 33 -18.77 50.35 4.32
N ALA C 34 -18.02 50.44 5.43
CA ALA C 34 -18.57 50.23 6.77
C ALA C 34 -19.64 51.25 7.09
N MET C 35 -19.46 52.50 6.66
CA MET C 35 -20.50 53.54 6.82
C MET C 35 -21.76 53.25 5.99
N ILE C 36 -21.56 52.69 4.79
CA ILE C 36 -22.65 52.42 3.84
C ILE C 36 -23.49 51.20 4.25
N LEU C 37 -22.82 50.08 4.52
CA LEU C 37 -23.53 48.82 4.79
C LEU C 37 -23.98 48.67 6.24
N GLU C 38 -25.21 48.18 6.41
CA GLU C 38 -25.74 47.80 7.72
C GLU C 38 -25.04 46.53 8.20
N ASN C 39 -24.76 46.46 9.50
CA ASN C 39 -24.20 45.25 10.11
C ASN C 39 -22.91 44.80 9.46
N ALA C 40 -21.98 45.75 9.33
CA ALA C 40 -20.67 45.49 8.75
C ALA C 40 -19.58 45.56 9.82
N GLU C 41 -18.81 44.48 9.93
CA GLU C 41 -17.78 44.30 10.94
C GLU C 41 -16.41 44.70 10.37
N TYR C 42 -15.89 45.84 10.82
CA TYR C 42 -14.60 46.33 10.34
C TYR C 42 -13.67 46.82 11.45
N GLU C 43 -12.58 46.07 11.65
CA GLU C 43 -11.57 46.39 12.65
C GLU C 43 -10.19 46.22 12.02
N PRO C 44 -9.68 47.28 11.35
CA PRO C 44 -8.47 47.24 10.53
C PRO C 44 -7.22 46.71 11.23
N GLU C 45 -7.10 46.96 12.54
CA GLU C 45 -5.95 46.49 13.33
C GLU C 45 -5.93 44.97 13.51
N GLN C 46 -7.11 44.37 13.62
CA GLN C 46 -7.23 42.94 13.91
C GLN C 46 -7.20 42.06 12.65
N PHE C 47 -8.01 42.44 11.66
CA PHE C 47 -8.09 41.76 10.37
C PHE C 47 -8.28 42.82 9.29
N PRO C 48 -7.66 42.65 8.10
CA PRO C 48 -7.71 43.73 7.10
C PRO C 48 -8.96 43.75 6.21
N GLY C 49 -9.86 42.78 6.40
CA GLY C 49 -11.09 42.68 5.60
C GLY C 49 -12.34 43.03 6.38
N LEU C 50 -13.38 43.47 5.67
CA LEU C 50 -14.65 43.87 6.28
C LEU C 50 -15.68 42.76 6.13
N VAL C 51 -16.37 42.43 7.21
CA VAL C 51 -17.40 41.39 7.17
C VAL C 51 -18.80 42.02 7.17
N CYS C 52 -19.63 41.61 6.21
CA CYS C 52 -21.03 42.03 6.20
C CYS C 52 -21.95 40.82 6.21
N ARG C 53 -22.76 40.71 7.25
CA ARG C 53 -23.64 39.59 7.43
C ARG C 53 -25.08 40.03 7.20
N LEU C 54 -25.71 39.38 6.23
CA LEU C 54 -27.14 39.56 5.97
C LEU C 54 -27.90 38.50 6.75
N SER C 55 -29.10 38.86 7.22
CA SER C 55 -29.93 37.95 8.01
C SER C 55 -30.91 37.19 7.12
N VAL C 56 -31.36 37.85 6.05
CA VAL C 56 -32.24 37.23 5.07
C VAL C 56 -31.77 37.63 3.65
N PRO C 57 -31.23 36.67 2.89
CA PRO C 57 -30.82 35.31 3.30
C PRO C 57 -29.66 35.34 4.31
N LYS C 58 -29.50 34.28 5.09
CA LYS C 58 -28.37 34.17 6.02
C LYS C 58 -27.05 33.99 5.27
N VAL C 59 -26.53 35.09 4.74
CA VAL C 59 -25.35 35.10 3.86
C VAL C 59 -24.33 36.15 4.35
N ALA C 60 -23.06 35.79 4.34
CA ALA C 60 -21.97 36.65 4.80
C ALA C 60 -20.98 36.97 3.68
N LEU C 61 -20.56 38.24 3.60
CA LEU C 61 -19.51 38.66 2.65
C LEU C 61 -18.30 39.13 3.42
N LEU C 62 -17.13 38.81 2.89
CA LEU C 62 -15.87 39.34 3.39
C LEU C 62 -15.33 40.14 2.24
N ILE C 63 -15.06 41.41 2.50
CA ILE C 63 -14.67 42.37 1.46
C ILE C 63 -13.29 42.95 1.79
N PHE C 64 -12.36 42.83 0.85
CA PHE C 64 -10.99 43.31 1.01
C PHE C 64 -10.77 44.62 0.30
N ARG C 65 -9.71 45.33 0.68
CA ARG C 65 -9.35 46.60 0.04
C ARG C 65 -9.00 46.38 -1.42
N SER C 66 -8.47 45.21 -1.72
CA SER C 66 -8.09 44.83 -3.08
C SER C 66 -9.32 44.70 -3.99
N GLY C 67 -10.50 44.61 -3.40
CA GLY C 67 -11.73 44.41 -4.15
C GLY C 67 -12.18 42.95 -4.15
N LYS C 68 -11.34 42.06 -3.62
CA LYS C 68 -11.71 40.64 -3.46
C LYS C 68 -12.89 40.50 -2.51
N VAL C 69 -13.81 39.62 -2.87
CA VAL C 69 -14.95 39.30 -2.01
C VAL C 69 -15.09 37.79 -1.91
N ASN C 70 -15.19 37.30 -0.67
CA ASN C 70 -15.57 35.91 -0.43
C ASN C 70 -16.98 35.92 0.14
N CYS C 71 -17.76 34.90 -0.16
CA CYS C 71 -19.14 34.85 0.30
C CYS C 71 -19.55 33.44 0.73
N THR C 72 -20.13 33.33 1.94
CA THR C 72 -20.56 32.03 2.49
C THR C 72 -22.03 32.06 2.92
N GLY C 73 -22.60 30.88 3.13
CA GLY C 73 -23.97 30.77 3.63
C GLY C 73 -25.07 30.63 2.57
N ALA C 74 -24.77 30.98 1.32
CA ALA C 74 -25.75 30.84 0.22
C ALA C 74 -26.05 29.38 -0.13
N LYS C 75 -27.29 29.09 -0.52
CA LYS C 75 -27.70 27.73 -0.92
C LYS C 75 -27.20 27.41 -2.32
N SER C 76 -26.94 28.44 -3.10
CA SER C 76 -26.66 28.26 -4.52
C SER C 76 -25.86 29.44 -5.00
N LYS C 77 -25.20 29.27 -6.16
CA LYS C 77 -24.44 30.35 -6.78
C LYS C 77 -25.34 31.56 -7.07
N GLU C 78 -26.58 31.28 -7.48
CA GLU C 78 -27.49 32.36 -7.86
C GLU C 78 -27.91 33.19 -6.66
N GLU C 79 -28.20 32.53 -5.55
CA GLU C 79 -28.57 33.24 -4.32
C GLU C 79 -27.40 34.11 -3.86
N ALA C 80 -26.18 33.59 -4.00
CA ALA C 80 -24.99 34.35 -3.65
C ALA C 80 -24.84 35.57 -4.55
N GLU C 81 -25.10 35.38 -5.84
CA GLU C 81 -25.01 36.46 -6.82
C GLU C 81 -26.00 37.58 -6.53
N ILE C 82 -27.20 37.22 -6.07
CA ILE C 82 -28.23 38.21 -5.74
C ILE C 82 -27.76 39.02 -4.53
N ALA C 83 -27.21 38.32 -3.53
CA ALA C 83 -26.68 38.95 -2.32
C ALA C 83 -25.61 39.97 -2.69
N ILE C 84 -24.66 39.53 -3.50
CA ILE C 84 -23.52 40.34 -3.91
C ILE C 84 -23.98 41.56 -4.71
N LYS C 85 -24.85 41.34 -5.70
CA LYS C 85 -25.37 42.44 -6.53
C LYS C 85 -26.07 43.53 -5.73
N LYS C 86 -26.85 43.13 -4.74
CA LYS C 86 -27.49 44.06 -3.81
C LYS C 86 -26.46 44.92 -3.09
N ILE C 87 -25.42 44.30 -2.57
CA ILE C 87 -24.39 45.01 -1.82
C ILE C 87 -23.61 45.94 -2.76
N ILE C 88 -23.28 45.46 -3.95
CA ILE C 88 -22.60 46.27 -4.95
C ILE C 88 -23.39 47.53 -5.31
N LYS C 89 -24.71 47.38 -5.46
CA LYS C 89 -25.55 48.52 -5.75
C LYS C 89 -25.50 49.57 -4.64
N GLU C 90 -25.53 49.13 -3.38
CA GLU C 90 -25.42 50.06 -2.24
C GLU C 90 -24.10 50.83 -2.32
N LEU C 91 -23.02 50.12 -2.62
CA LEU C 91 -21.71 50.77 -2.73
C LEU C 91 -21.62 51.74 -3.94
N LYS C 92 -22.12 51.31 -5.10
CA LYS C 92 -22.09 52.13 -6.31
C LYS C 92 -22.87 53.42 -6.14
N ASP C 93 -24.06 53.30 -5.53
CA ASP C 93 -24.96 54.42 -5.32
C ASP C 93 -24.36 55.45 -4.37
N ALA C 94 -23.58 54.97 -3.41
CA ALA C 94 -22.86 55.84 -2.49
C ALA C 94 -21.64 56.53 -3.13
N GLY C 95 -21.22 56.07 -4.31
CA GLY C 95 -20.11 56.69 -5.04
C GLY C 95 -18.81 55.88 -5.13
N ILE C 96 -18.79 54.68 -4.55
CA ILE C 96 -17.64 53.79 -4.67
C ILE C 96 -17.57 53.25 -6.11
N ASP C 97 -16.38 53.30 -6.70
CA ASP C 97 -16.15 52.77 -8.06
C ASP C 97 -16.14 51.23 -8.06
N VAL C 98 -17.28 50.64 -8.35
CA VAL C 98 -17.37 49.18 -8.40
C VAL C 98 -17.78 48.64 -9.77
N ILE C 99 -17.44 47.36 -10.01
CA ILE C 99 -17.85 46.60 -11.17
C ILE C 99 -19.30 46.19 -10.94
N GLU C 100 -20.18 46.44 -11.91
CA GLU C 100 -21.63 46.22 -11.74
C GLU C 100 -22.03 44.74 -11.77
N ASN C 101 -21.56 44.01 -12.77
CA ASN C 101 -21.79 42.58 -12.87
C ASN C 101 -20.50 41.79 -12.75
N PRO C 102 -20.00 41.55 -11.51
CA PRO C 102 -18.79 40.78 -11.39
C PRO C 102 -19.06 39.30 -11.65
N GLU C 103 -18.04 38.56 -12.04
CA GLU C 103 -18.18 37.12 -12.22
C GLU C 103 -18.06 36.39 -10.88
N ILE C 104 -19.03 35.52 -10.62
CA ILE C 104 -19.09 34.76 -9.38
C ILE C 104 -18.53 33.36 -9.60
N LYS C 105 -17.50 33.01 -8.83
CA LYS C 105 -16.82 31.73 -8.97
C LYS C 105 -17.06 30.87 -7.73
N ILE C 106 -17.48 29.62 -7.96
CA ILE C 106 -17.68 28.66 -6.88
C ILE C 106 -16.31 28.22 -6.37
N GLN C 107 -16.12 28.32 -5.06
CA GLN C 107 -14.86 27.93 -4.43
C GLN C 107 -15.04 26.65 -3.62
N ASN C 108 -16.27 26.37 -3.22
CA ASN C 108 -16.56 25.24 -2.35
C ASN C 108 -18.06 24.99 -2.30
N MET C 109 -18.44 23.77 -1.91
CA MET C 109 -19.84 23.37 -1.72
C MET C 109 -19.96 22.38 -0.56
N VAL C 110 -21.17 22.28 0.00
CA VAL C 110 -21.59 21.14 0.80
C VAL C 110 -22.72 20.52 -0.02
N ALA C 111 -22.52 19.29 -0.46
CA ALA C 111 -23.54 18.49 -1.13
C ALA C 111 -23.90 17.29 -0.29
N THR C 112 -25.16 16.88 -0.37
CA THR C 112 -25.66 15.78 0.43
C THR C 112 -26.30 14.69 -0.43
N ALA C 113 -26.28 13.48 0.10
CA ALA C 113 -26.88 12.31 -0.55
C ALA C 113 -27.28 11.33 0.53
N ASP C 114 -28.16 10.40 0.17
CA ASP C 114 -28.52 9.33 1.09
C ASP C 114 -28.21 7.99 0.45
N LEU C 115 -27.61 7.10 1.24
CA LEU C 115 -27.25 5.77 0.77
C LEU C 115 -28.49 4.91 0.55
N GLY C 116 -29.48 5.05 1.44
CA GLY C 116 -30.68 4.21 1.41
C GLY C 116 -30.57 3.08 2.41
N ILE C 117 -29.36 2.90 2.92
CA ILE C 117 -29.05 1.90 3.94
C ILE C 117 -28.37 2.58 5.11
N GLU C 118 -28.37 1.92 6.26
CA GLU C 118 -27.63 2.39 7.43
C GLU C 118 -26.30 1.62 7.51
N PRO C 119 -25.19 2.26 7.09
CA PRO C 119 -23.96 1.56 6.79
C PRO C 119 -23.20 1.09 8.02
N ASN C 120 -22.41 0.03 7.84
CA ASN C 120 -21.53 -0.45 8.89
C ASN C 120 -20.20 0.27 8.77
N LEU C 121 -20.06 1.37 9.50
CA LEU C 121 -18.86 2.19 9.45
C LEU C 121 -17.60 1.47 9.97
N ASP C 122 -17.76 0.58 10.94
CA ASP C 122 -16.65 -0.23 11.46
C ASP C 122 -16.06 -1.11 10.36
N ASP C 123 -16.93 -1.80 9.62
CA ASP C 123 -16.55 -2.60 8.47
C ASP C 123 -15.81 -1.77 7.43
N ILE C 124 -16.40 -0.63 7.06
CA ILE C 124 -15.83 0.22 6.01
C ILE C 124 -14.44 0.72 6.42
N ALA C 125 -14.31 1.20 7.66
CA ALA C 125 -13.01 1.66 8.17
C ALA C 125 -11.98 0.53 8.14
N LEU C 126 -12.44 -0.70 8.34
CA LEU C 126 -11.54 -1.85 8.36
C LEU C 126 -11.21 -2.29 6.94
N MET C 127 -12.20 -2.16 6.06
CA MET C 127 -12.18 -2.78 4.73
C MET C 127 -11.77 -1.84 3.59
N VAL C 128 -11.91 -0.54 3.81
CA VAL C 128 -11.60 0.44 2.77
C VAL C 128 -10.45 1.32 3.22
N GLU C 129 -9.32 1.19 2.52
CA GLU C 129 -8.13 1.99 2.82
C GLU C 129 -8.38 3.48 2.55
N GLY C 130 -7.75 4.34 3.35
CA GLY C 130 -7.90 5.78 3.18
C GLY C 130 -9.11 6.40 3.86
N THR C 131 -9.74 5.61 4.75
CA THR C 131 -10.88 6.06 5.52
C THR C 131 -10.49 6.19 6.98
N GLU C 132 -11.20 7.05 7.68
CA GLU C 132 -10.95 7.23 9.10
C GLU C 132 -12.28 7.25 9.79
N TYR C 133 -12.39 6.44 10.83
CA TYR C 133 -13.56 6.41 11.67
C TYR C 133 -13.12 6.28 13.10
N GLU C 134 -13.51 7.27 13.90
CA GLU C 134 -13.31 7.25 15.32
C GLU C 134 -14.51 7.93 15.96
N PRO C 135 -15.56 7.14 16.27
CA PRO C 135 -16.82 7.67 16.81
C PRO C 135 -16.69 8.46 18.11
N GLU C 136 -15.61 8.24 18.86
CA GLU C 136 -15.35 9.02 20.07
C GLU C 136 -14.89 10.44 19.77
N GLN C 137 -14.49 10.70 18.52
CA GLN C 137 -14.01 12.03 18.12
C GLN C 137 -15.01 12.82 17.31
N PHE C 138 -15.69 12.11 16.41
CA PHE C 138 -16.55 12.72 15.42
C PHE C 138 -17.49 11.64 14.93
N PRO C 139 -18.78 11.98 14.77
CA PRO C 139 -19.70 11.01 14.20
C PRO C 139 -19.36 10.87 12.73
N GLY C 140 -19.50 9.68 12.17
CA GLY C 140 -19.24 9.56 10.75
C GLY C 140 -17.83 9.24 10.36
N LEU C 141 -17.73 8.59 9.21
CA LEU C 141 -16.48 8.19 8.63
C LEU C 141 -15.99 9.28 7.66
N VAL C 142 -14.71 9.59 7.74
CA VAL C 142 -14.08 10.56 6.83
C VAL C 142 -13.34 9.81 5.72
N TYR C 143 -13.65 10.19 4.48
CA TYR C 143 -13.09 9.55 3.30
C TYR C 143 -12.56 10.61 2.34
N ARG C 144 -11.25 10.80 2.34
CA ARG C 144 -10.60 11.79 1.50
C ARG C 144 -10.29 11.24 0.11
N LEU C 145 -10.74 11.93 -0.94
CA LEU C 145 -10.45 11.56 -2.34
C LEU C 145 -9.56 12.56 -3.08
N ASP C 146 -8.88 12.06 -4.12
CA ASP C 146 -8.04 12.88 -4.99
C ASP C 146 -8.62 13.12 -6.40
N ASP C 147 -9.44 12.18 -6.85
CA ASP C 147 -9.98 12.20 -8.21
C ASP C 147 -11.48 11.87 -8.10
N PRO C 148 -12.35 12.89 -7.89
CA PRO C 148 -12.10 14.32 -7.70
C PRO C 148 -11.61 14.63 -6.29
N LYS C 149 -10.94 15.77 -6.13
CA LYS C 149 -10.39 16.19 -4.85
C LYS C 149 -11.49 16.67 -3.90
N VAL C 150 -11.97 15.78 -3.05
CA VAL C 150 -13.09 16.05 -2.13
C VAL C 150 -12.91 15.35 -0.79
N VAL C 151 -13.66 15.82 0.21
CA VAL C 151 -13.74 15.13 1.48
C VAL C 151 -15.16 14.65 1.65
N VAL C 152 -15.30 13.36 1.91
CA VAL C 152 -16.61 12.77 2.08
C VAL C 152 -16.78 12.34 3.53
N LEU C 153 -17.94 12.66 4.08
CA LEU C 153 -18.33 12.21 5.42
C LEU C 153 -19.53 11.29 5.30
N ILE C 154 -19.42 10.10 5.87
CA ILE C 154 -20.49 9.11 5.83
C ILE C 154 -20.98 8.81 7.25
N PHE C 155 -22.30 8.94 7.45
CA PHE C 155 -22.91 8.81 8.77
C PHE C 155 -23.69 7.51 8.93
N GLY C 156 -23.83 7.06 10.18
CA GLY C 156 -24.55 5.82 10.50
C GLY C 156 -25.96 5.75 9.96
N SER C 157 -26.59 6.92 9.79
CA SER C 157 -27.93 7.00 9.20
C SER C 157 -27.95 6.69 7.70
N GLY C 158 -26.79 6.76 7.04
CA GLY C 158 -26.74 6.61 5.59
C GLY C 158 -26.58 7.95 4.88
N LYS C 159 -26.65 9.02 5.66
CA LYS C 159 -26.41 10.35 5.13
C LYS C 159 -24.95 10.48 4.69
N VAL C 160 -24.75 11.09 3.53
CA VAL C 160 -23.41 11.35 3.01
C VAL C 160 -23.29 12.84 2.75
N VAL C 161 -22.21 13.46 3.22
CA VAL C 161 -21.95 14.88 2.93
C VAL C 161 -20.67 14.97 2.11
N ILE C 162 -20.72 15.71 1.00
CA ILE C 162 -19.54 15.84 0.16
C ILE C 162 -19.10 17.29 0.17
N THR C 163 -17.84 17.50 0.54
CA THR C 163 -17.29 18.85 0.68
C THR C 163 -16.03 19.00 -0.17
N GLY C 164 -15.63 20.25 -0.37
CA GLY C 164 -14.46 20.59 -1.18
C GLY C 164 -14.75 20.62 -2.67
N LEU C 165 -16.02 20.53 -3.03
CA LEU C 165 -16.43 20.45 -4.43
C LEU C 165 -16.34 21.77 -5.14
N LYS C 166 -16.04 21.73 -6.44
CA LYS C 166 -16.00 22.91 -7.28
C LYS C 166 -17.15 22.96 -8.31
N SER C 167 -17.93 21.88 -8.38
CA SER C 167 -19.06 21.78 -9.32
C SER C 167 -19.98 20.66 -8.92
N GLU C 168 -21.22 20.70 -9.43
CA GLU C 168 -22.20 19.65 -9.15
C GLU C 168 -21.85 18.34 -9.84
N GLU C 169 -21.13 18.41 -10.95
CA GLU C 169 -20.73 17.21 -11.69
C GLU C 169 -19.58 16.43 -11.00
N ASP C 170 -18.67 17.14 -10.34
CA ASP C 170 -17.65 16.48 -9.53
C ASP C 170 -18.29 15.76 -8.35
N ALA C 171 -19.38 16.30 -7.83
CA ALA C 171 -20.16 15.65 -6.77
C ALA C 171 -20.64 14.27 -7.21
N LYS C 172 -21.15 14.18 -8.45
CA LYS C 172 -21.64 12.93 -9.01
C LYS C 172 -20.53 11.91 -9.28
N ARG C 173 -19.37 12.39 -9.74
CA ARG C 173 -18.18 11.56 -9.86
C ARG C 173 -17.78 11.01 -8.48
N ALA C 174 -17.76 11.90 -7.49
CA ALA C 174 -17.40 11.54 -6.12
C ALA C 174 -18.36 10.49 -5.60
N LEU C 175 -19.65 10.78 -5.66
CA LEU C 175 -20.69 9.84 -5.19
C LEU C 175 -20.60 8.46 -5.85
N LYS C 176 -20.32 8.42 -7.15
CA LYS C 176 -20.16 7.15 -7.87
C LYS C 176 -18.98 6.36 -7.31
N LYS C 177 -17.83 7.01 -7.20
CA LYS C 177 -16.62 6.39 -6.65
C LYS C 177 -16.82 5.86 -5.24
N ILE C 178 -17.55 6.62 -4.43
CA ILE C 178 -17.98 6.20 -3.09
C ILE C 178 -18.75 4.88 -3.16
N LEU C 179 -19.83 4.86 -3.96
CA LEU C 179 -20.69 3.69 -4.06
C LEU C 179 -19.94 2.47 -4.58
N ASP C 180 -19.16 2.67 -5.65
CA ASP C 180 -18.32 1.60 -6.21
C ASP C 180 -17.36 1.01 -5.20
N THR C 181 -16.69 1.87 -4.44
CA THR C 181 -15.69 1.41 -3.47
C THR C 181 -16.33 0.57 -2.36
N ILE C 182 -17.42 1.08 -1.78
CA ILE C 182 -18.18 0.35 -0.77
C ILE C 182 -18.74 -1.00 -1.29
N LYS C 183 -19.04 -1.08 -2.59
CA LYS C 183 -19.36 -2.37 -3.24
C LYS C 183 -18.11 -3.24 -3.38
N GLU C 184 -17.09 -2.70 -4.05
CA GLU C 184 -15.86 -3.43 -4.40
C GLU C 184 -15.04 -3.88 -3.20
N PRO D 11 -2.72 22.75 23.44
CA PRO D 11 -1.94 23.27 22.28
C PRO D 11 -0.89 22.23 21.83
N GLU D 12 -1.13 20.97 22.18
CA GLU D 12 -0.21 19.87 21.89
C GLU D 12 -0.94 18.65 21.36
N ILE D 13 -0.29 17.94 20.44
CA ILE D 13 -0.81 16.71 19.84
C ILE D 13 -0.94 15.55 20.83
N LYS D 14 -2.11 14.91 20.80
CA LYS D 14 -2.30 13.61 21.44
C LYS D 14 -2.76 12.64 20.37
N ILE D 15 -1.97 11.59 20.12
CA ILE D 15 -2.40 10.51 19.23
C ILE D 15 -3.44 9.68 20.00
N VAL D 16 -4.62 9.51 19.41
CA VAL D 16 -5.72 8.83 20.09
C VAL D 16 -6.07 7.48 19.46
N ASN D 17 -5.72 7.29 18.19
CA ASN D 17 -5.99 6.02 17.51
C ASN D 17 -5.10 5.88 16.28
N VAL D 18 -4.79 4.65 15.90
CA VAL D 18 -4.02 4.41 14.71
C VAL D 18 -4.72 3.32 13.91
N VAL D 19 -4.42 3.26 12.62
CA VAL D 19 -4.84 2.15 11.81
C VAL D 19 -3.51 1.58 11.27
N VAL D 20 -3.36 0.27 11.38
CA VAL D 20 -2.13 -0.37 10.93
C VAL D 20 -2.42 -1.53 9.94
N SER D 21 -1.45 -1.80 9.07
CA SER D 21 -1.46 -2.98 8.22
C SER D 21 -0.27 -3.84 8.55
N THR D 22 -0.39 -5.13 8.26
CA THR D 22 0.70 -6.05 8.47
C THR D 22 0.47 -7.30 7.62
N LYS D 23 1.36 -8.28 7.74
CA LYS D 23 1.19 -9.57 7.09
C LYS D 23 1.76 -10.58 8.09
N ILE D 24 0.96 -11.59 8.43
CA ILE D 24 1.24 -12.47 9.54
C ILE D 24 1.50 -13.89 9.09
N GLY D 25 1.40 -14.11 7.78
CA GLY D 25 1.61 -15.44 7.21
C GLY D 25 1.31 -15.37 5.73
N ASP D 26 1.20 -16.54 5.12
CA ASP D 26 0.91 -16.58 3.70
C ASP D 26 -0.01 -17.74 3.41
N ASN D 27 -0.98 -17.49 2.53
CA ASN D 27 -1.99 -18.48 2.16
C ASN D 27 -2.59 -19.16 3.38
N ILE D 28 -3.15 -18.35 4.26
CA ILE D 28 -3.76 -18.82 5.52
C ILE D 28 -5.14 -19.43 5.28
N ASP D 29 -5.40 -20.55 5.97
CA ASP D 29 -6.68 -21.24 5.92
C ASP D 29 -7.64 -20.55 6.87
N LEU D 30 -8.49 -19.69 6.33
CA LEU D 30 -9.37 -18.85 7.15
C LEU D 30 -10.47 -19.64 7.85
N GLU D 31 -10.86 -20.76 7.25
CA GLU D 31 -11.80 -21.67 7.90
C GLU D 31 -11.19 -22.21 9.22
N GLU D 32 -9.90 -22.55 9.21
CA GLU D 32 -9.19 -23.00 10.42
C GLU D 32 -8.96 -21.86 11.41
N VAL D 33 -8.55 -20.70 10.89
CA VAL D 33 -8.37 -19.50 11.72
C VAL D 33 -9.64 -19.16 12.51
N ALA D 34 -10.79 -19.17 11.81
CA ALA D 34 -12.09 -18.88 12.42
C ALA D 34 -12.44 -19.85 13.55
N MET D 35 -11.82 -21.02 13.53
CA MET D 35 -12.05 -21.99 14.59
C MET D 35 -11.16 -21.72 15.79
N ILE D 36 -10.00 -21.13 15.54
CA ILE D 36 -8.99 -20.94 16.58
C ILE D 36 -9.29 -19.67 17.37
N LEU D 37 -9.52 -18.59 16.63
CA LEU D 37 -9.67 -17.25 17.17
C LEU D 37 -11.04 -17.00 17.79
N GLU D 38 -11.08 -16.03 18.71
CA GLU D 38 -12.32 -15.68 19.41
C GLU D 38 -12.99 -14.49 18.73
N ASN D 39 -14.32 -14.46 18.78
CA ASN D 39 -15.13 -13.46 18.09
C ASN D 39 -14.75 -13.32 16.62
N ALA D 40 -14.52 -14.46 15.96
CA ALA D 40 -14.10 -14.46 14.57
C ALA D 40 -15.30 -14.60 13.66
N GLU D 41 -15.54 -13.58 12.86
CA GLU D 41 -16.63 -13.58 11.88
C GLU D 41 -16.09 -13.95 10.49
N TYR D 42 -16.50 -15.11 9.99
CA TYR D 42 -16.07 -15.58 8.68
C TYR D 42 -17.19 -16.16 7.83
N GLU D 43 -17.53 -15.44 6.76
CA GLU D 43 -18.58 -15.88 5.83
C GLU D 43 -18.07 -15.72 4.41
N PRO D 44 -17.37 -16.74 3.88
CA PRO D 44 -16.67 -16.63 2.61
C PRO D 44 -17.59 -16.37 1.41
N GLU D 45 -18.87 -16.73 1.52
CA GLU D 45 -19.86 -16.47 0.46
C GLU D 45 -20.25 -14.98 0.41
N GLN D 46 -20.09 -14.28 1.54
CA GLN D 46 -20.54 -12.90 1.64
C GLN D 46 -19.38 -11.89 1.60
N PHE D 47 -18.25 -12.24 2.21
CA PHE D 47 -17.04 -11.42 2.20
C PHE D 47 -15.78 -12.29 2.20
N PRO D 48 -14.69 -11.84 1.53
CA PRO D 48 -13.44 -12.62 1.49
C PRO D 48 -12.66 -12.70 2.82
N GLY D 49 -12.69 -11.65 3.62
CA GLY D 49 -11.87 -11.59 4.83
C GLY D 49 -12.55 -12.13 6.07
N LEU D 50 -11.75 -12.37 7.09
CA LEU D 50 -12.19 -12.79 8.41
C LEU D 50 -12.02 -11.61 9.39
N VAL D 51 -13.06 -11.30 10.14
CA VAL D 51 -12.97 -10.21 11.11
C VAL D 51 -12.92 -10.79 12.51
N CYS D 52 -11.90 -10.40 13.26
CA CYS D 52 -11.67 -10.83 14.64
C CYS D 52 -11.72 -9.59 15.53
N ARG D 53 -12.66 -9.54 16.47
CA ARG D 53 -12.70 -8.43 17.39
C ARG D 53 -12.15 -8.84 18.75
N LEU D 54 -10.93 -8.37 19.04
CA LEU D 54 -10.29 -8.62 20.31
C LEU D 54 -10.91 -7.78 21.43
N SER D 55 -11.08 -8.41 22.58
CA SER D 55 -11.57 -7.76 23.78
C SER D 55 -10.43 -7.01 24.50
N VAL D 56 -9.23 -7.61 24.45
CA VAL D 56 -8.04 -7.06 25.12
C VAL D 56 -6.79 -7.28 24.26
N PRO D 57 -6.22 -6.20 23.68
CA PRO D 57 -6.74 -4.82 23.69
C PRO D 57 -7.99 -4.71 22.82
N LYS D 58 -8.66 -3.56 22.90
CA LYS D 58 -9.94 -3.32 22.24
C LYS D 58 -9.75 -2.98 20.76
N VAL D 59 -9.44 -4.01 19.96
CA VAL D 59 -9.14 -3.75 18.54
C VAL D 59 -9.97 -4.67 17.65
N ALA D 60 -10.13 -4.29 16.39
CA ALA D 60 -10.70 -5.15 15.36
C ALA D 60 -9.63 -5.44 14.32
N LEU D 61 -9.55 -6.69 13.89
CA LEU D 61 -8.59 -7.13 12.88
C LEU D 61 -9.33 -7.79 11.73
N LEU D 62 -8.93 -7.46 10.51
CA LEU D 62 -9.44 -8.12 9.29
C LEU D 62 -8.28 -8.90 8.69
N ILE D 63 -8.44 -10.22 8.60
CA ILE D 63 -7.42 -11.15 8.14
C ILE D 63 -7.85 -11.76 6.80
N PHE D 64 -6.98 -11.64 5.80
CA PHE D 64 -7.23 -12.14 4.45
C PHE D 64 -6.47 -13.45 4.25
N ARG D 65 -6.90 -14.24 3.26
CA ARG D 65 -6.25 -15.50 2.92
C ARG D 65 -4.78 -15.27 2.60
N SER D 66 -4.47 -14.10 2.05
CA SER D 66 -3.10 -13.75 1.68
C SER D 66 -2.21 -13.64 2.92
N GLY D 67 -2.83 -13.56 4.08
CA GLY D 67 -2.10 -13.31 5.33
C GLY D 67 -1.98 -11.83 5.69
N LYS D 68 -2.44 -10.96 4.79
CA LYS D 68 -2.49 -9.53 5.09
C LYS D 68 -3.53 -9.27 6.15
N VAL D 69 -3.24 -8.32 7.03
CA VAL D 69 -4.11 -7.98 8.15
C VAL D 69 -4.28 -6.46 8.19
N ASN D 70 -5.52 -6.00 8.36
CA ASN D 70 -5.78 -4.59 8.73
C ASN D 70 -6.29 -4.54 10.17
N CYS D 71 -5.84 -3.55 10.94
CA CYS D 71 -6.23 -3.43 12.36
C CYS D 71 -6.67 -2.01 12.70
N THR D 72 -7.87 -1.89 13.29
CA THR D 72 -8.42 -0.62 13.74
C THR D 72 -8.71 -0.65 15.25
N GLY D 73 -8.88 0.53 15.85
CA GLY D 73 -9.21 0.59 17.26
C GLY D 73 -8.07 0.83 18.23
N ALA D 74 -6.83 0.51 17.85
CA ALA D 74 -5.71 0.65 18.80
C ALA D 74 -5.39 2.12 19.04
N LYS D 75 -4.91 2.45 20.23
CA LYS D 75 -4.64 3.85 20.59
C LYS D 75 -3.28 4.27 20.08
N SER D 76 -2.45 3.29 19.77
CA SER D 76 -1.07 3.51 19.35
C SER D 76 -0.59 2.33 18.56
N LYS D 77 0.53 2.52 17.88
CA LYS D 77 1.19 1.41 17.21
C LYS D 77 1.57 0.26 18.14
N GLU D 78 2.08 0.59 19.34
CA GLU D 78 2.45 -0.44 20.31
C GLU D 78 1.24 -1.27 20.73
N GLU D 79 0.11 -0.61 20.96
CA GLU D 79 -1.09 -1.35 21.30
C GLU D 79 -1.58 -2.27 20.14
N ALA D 80 -1.49 -1.79 18.92
CA ALA D 80 -1.78 -2.62 17.74
C ALA D 80 -0.84 -3.81 17.67
N GLU D 81 0.42 -3.56 18.04
CA GLU D 81 1.44 -4.59 18.04
C GLU D 81 1.10 -5.72 19.02
N ILE D 82 0.64 -5.36 20.22
CA ILE D 82 0.23 -6.38 21.18
C ILE D 82 -0.93 -7.21 20.61
N ALA D 83 -1.94 -6.55 20.08
CA ALA D 83 -3.08 -7.22 19.50
C ALA D 83 -2.66 -8.22 18.43
N ILE D 84 -1.84 -7.74 17.50
CA ILE D 84 -1.37 -8.56 16.38
C ILE D 84 -0.55 -9.76 16.88
N LYS D 85 0.36 -9.50 17.81
CA LYS D 85 1.22 -10.58 18.27
C LYS D 85 0.48 -11.58 19.13
N LYS D 86 -0.55 -11.12 19.85
CA LYS D 86 -1.41 -12.04 20.57
C LYS D 86 -2.08 -13.03 19.62
N ILE D 87 -2.62 -12.52 18.50
CA ILE D 87 -3.26 -13.43 17.54
C ILE D 87 -2.24 -14.32 16.82
N ILE D 88 -1.06 -13.77 16.48
CA ILE D 88 0.03 -14.58 15.90
C ILE D 88 0.38 -15.77 16.80
N LYS D 89 0.53 -15.53 18.12
CA LYS D 89 0.80 -16.62 19.07
C LYS D 89 -0.30 -17.66 19.08
N GLU D 90 -1.57 -17.22 19.04
CA GLU D 90 -2.68 -18.17 19.01
C GLU D 90 -2.58 -19.07 17.80
N LEU D 91 -2.29 -18.50 16.64
CA LEU D 91 -2.22 -19.24 15.38
C LEU D 91 -0.98 -20.16 15.33
N LYS D 92 0.16 -19.63 15.75
CA LYS D 92 1.38 -20.42 15.87
C LYS D 92 1.14 -21.64 16.75
N ASP D 93 0.55 -21.42 17.92
CA ASP D 93 0.32 -22.50 18.89
C ASP D 93 -0.60 -23.57 18.32
N ALA D 94 -1.47 -23.15 17.42
CA ALA D 94 -2.36 -24.04 16.69
C ALA D 94 -1.75 -24.57 15.40
N GLY D 95 -0.46 -24.34 15.19
CA GLY D 95 0.24 -24.98 14.08
C GLY D 95 0.17 -24.28 12.73
N ILE D 96 -0.27 -23.03 12.74
CA ILE D 96 -0.24 -22.23 11.54
C ILE D 96 1.15 -21.64 11.39
N ASP D 97 1.66 -21.65 10.16
CA ASP D 97 2.93 -21.03 9.82
C ASP D 97 2.70 -19.52 9.84
N VAL D 98 3.39 -18.81 10.73
CA VAL D 98 3.21 -17.36 10.89
C VAL D 98 4.52 -16.62 10.73
N ILE D 99 4.42 -15.33 10.40
CA ILE D 99 5.53 -14.38 10.51
C ILE D 99 5.52 -13.87 11.96
N GLU D 100 6.58 -14.16 12.69
CA GLU D 100 6.57 -14.05 14.16
C GLU D 100 6.86 -12.63 14.66
N ASN D 101 7.66 -11.89 13.91
CA ASN D 101 7.80 -10.47 14.18
C ASN D 101 7.48 -9.66 12.95
N PRO D 102 6.19 -9.42 12.72
CA PRO D 102 5.75 -8.81 11.47
C PRO D 102 6.11 -7.33 11.39
N GLU D 103 6.13 -6.79 10.18
CA GLU D 103 6.25 -5.35 10.03
C GLU D 103 4.88 -4.75 10.24
N ILE D 104 4.81 -3.81 11.18
CA ILE D 104 3.55 -3.11 11.47
C ILE D 104 3.63 -1.70 10.90
N LYS D 105 2.86 -1.48 9.86
CA LYS D 105 2.91 -0.25 9.10
C LYS D 105 1.73 0.62 9.50
N ILE D 106 2.02 1.87 9.84
CA ILE D 106 0.99 2.85 10.10
C ILE D 106 0.31 3.24 8.80
N GLN D 107 -1.00 3.10 8.76
CA GLN D 107 -1.77 3.53 7.59
C GLN D 107 -2.41 4.90 7.83
N ASN D 108 -2.88 5.09 9.06
CA ASN D 108 -3.56 6.32 9.46
C ASN D 108 -3.34 6.54 10.95
N MET D 109 -3.24 7.82 11.33
CA MET D 109 -3.22 8.21 12.74
C MET D 109 -4.24 9.32 12.94
N VAL D 110 -4.86 9.34 14.12
CA VAL D 110 -5.81 10.39 14.48
C VAL D 110 -5.24 11.06 15.71
N ALA D 111 -5.10 12.38 15.63
CA ALA D 111 -4.56 13.18 16.73
C ALA D 111 -5.59 14.20 17.17
N THR D 112 -5.56 14.54 18.47
CA THR D 112 -6.38 15.64 18.98
C THR D 112 -5.51 16.75 19.57
N ALA D 113 -6.06 17.96 19.58
CA ALA D 113 -5.49 19.07 20.33
C ALA D 113 -6.65 19.93 20.81
N ASP D 114 -6.39 20.78 21.80
CA ASP D 114 -7.38 21.75 22.24
C ASP D 114 -6.73 23.12 22.05
N LEU D 115 -7.36 23.96 21.23
CA LEU D 115 -6.80 25.27 20.86
C LEU D 115 -6.69 26.23 22.05
N GLY D 116 -7.39 25.92 23.14
CA GLY D 116 -7.33 26.70 24.37
C GLY D 116 -8.27 27.90 24.35
N ILE D 117 -8.92 28.08 23.20
CA ILE D 117 -9.92 29.13 23.02
C ILE D 117 -11.08 28.57 22.23
N GLU D 118 -12.27 29.15 22.40
CA GLU D 118 -13.43 28.74 21.63
C GLU D 118 -13.52 29.57 20.35
N PRO D 119 -13.26 28.95 19.19
CA PRO D 119 -13.14 29.68 17.93
C PRO D 119 -14.51 30.01 17.34
N ASN D 120 -14.58 31.04 16.50
CA ASN D 120 -15.81 31.39 15.79
C ASN D 120 -15.82 30.72 14.42
N LEU D 121 -16.52 29.60 14.31
CA LEU D 121 -16.44 28.76 13.11
C LEU D 121 -17.03 29.43 11.86
N ASP D 122 -18.04 30.28 12.05
CA ASP D 122 -18.57 31.12 10.98
C ASP D 122 -17.52 32.07 10.39
N ASP D 123 -16.73 32.69 11.26
CA ASP D 123 -15.64 33.57 10.82
C ASP D 123 -14.54 32.78 10.11
N ILE D 124 -14.14 31.65 10.67
CA ILE D 124 -13.15 30.77 10.04
C ILE D 124 -13.65 30.34 8.65
N ALA D 125 -14.89 29.89 8.59
CA ALA D 125 -15.48 29.39 7.34
C ALA D 125 -15.47 30.45 6.24
N LEU D 126 -15.58 31.72 6.65
CA LEU D 126 -15.61 32.84 5.71
C LEU D 126 -14.21 33.37 5.37
N MET D 127 -13.28 33.24 6.33
CA MET D 127 -11.98 33.91 6.27
C MET D 127 -10.80 32.98 5.96
N VAL D 128 -11.03 31.68 6.01
CA VAL D 128 -9.97 30.71 5.72
C VAL D 128 -10.42 29.91 4.51
N GLU D 129 -9.61 29.92 3.47
CA GLU D 129 -9.95 29.18 2.26
C GLU D 129 -9.80 27.66 2.46
N GLY D 130 -10.60 26.89 1.73
CA GLY D 130 -10.56 25.42 1.80
C GLY D 130 -11.19 24.81 3.03
N THR D 131 -12.09 25.57 3.66
CA THR D 131 -12.85 25.11 4.83
C THR D 131 -14.32 25.00 4.44
N GLU D 132 -15.05 24.11 5.12
CA GLU D 132 -16.52 24.10 5.04
C GLU D 132 -17.13 23.87 6.43
N TYR D 133 -18.39 24.23 6.54
CA TYR D 133 -19.09 24.34 7.82
C TYR D 133 -20.57 24.43 7.48
N GLU D 134 -21.35 23.52 8.05
CA GLU D 134 -22.79 23.50 7.85
C GLU D 134 -23.35 22.78 9.08
N PRO D 135 -23.59 23.54 10.17
CA PRO D 135 -23.99 23.02 11.48
C PRO D 135 -25.19 22.07 11.43
N GLU D 136 -26.00 22.20 10.37
CA GLU D 136 -27.21 21.41 10.17
C GLU D 136 -26.91 20.00 9.67
N GLN D 137 -25.77 19.83 9.02
CA GLN D 137 -25.45 18.58 8.34
C GLN D 137 -24.41 17.76 9.09
N PHE D 138 -23.50 18.44 9.78
CA PHE D 138 -22.46 17.78 10.57
C PHE D 138 -21.91 18.74 11.62
N PRO D 139 -21.38 18.23 12.75
CA PRO D 139 -20.78 19.14 13.73
C PRO D 139 -19.40 19.61 13.32
N GLY D 140 -19.09 20.88 13.58
CA GLY D 140 -17.71 21.37 13.43
C GLY D 140 -17.30 21.78 12.02
N LEU D 141 -16.09 22.28 11.89
CA LEU D 141 -15.62 22.79 10.60
C LEU D 141 -14.59 21.86 10.01
N VAL D 142 -14.72 21.60 8.70
CA VAL D 142 -13.85 20.69 7.96
C VAL D 142 -12.79 21.51 7.23
N TYR D 143 -11.53 21.11 7.33
CA TYR D 143 -10.43 21.88 6.79
C TYR D 143 -9.38 20.90 6.25
N ARG D 144 -9.20 20.87 4.93
CA ARG D 144 -8.26 19.94 4.32
C ARG D 144 -6.92 20.62 4.09
N LEU D 145 -5.84 19.96 4.52
CA LEU D 145 -4.48 20.42 4.28
C LEU D 145 -3.76 19.59 3.20
N ASP D 146 -2.91 20.25 2.43
CA ASP D 146 -2.16 19.57 1.37
C ASP D 146 -0.81 19.04 1.84
N ASP D 147 -0.22 19.71 2.84
CA ASP D 147 1.08 19.31 3.39
C ASP D 147 1.18 19.62 4.89
N PRO D 148 1.11 18.58 5.75
CA PRO D 148 0.94 17.18 5.37
C PRO D 148 -0.49 16.95 4.86
N LYS D 149 -0.71 15.83 4.17
CA LYS D 149 -2.02 15.54 3.58
C LYS D 149 -2.98 15.03 4.65
N VAL D 150 -3.69 15.97 5.29
CA VAL D 150 -4.60 15.63 6.40
C VAL D 150 -5.97 16.29 6.26
N VAL D 151 -6.95 15.76 7.00
CA VAL D 151 -8.24 16.43 7.12
C VAL D 151 -8.37 16.86 8.56
N VAL D 152 -8.71 18.13 8.76
CA VAL D 152 -8.76 18.73 10.08
C VAL D 152 -10.21 19.08 10.41
N LEU D 153 -10.66 18.72 11.62
CA LEU D 153 -11.99 19.08 12.09
C LEU D 153 -11.82 19.98 13.31
N ILE D 154 -12.45 21.14 13.27
CA ILE D 154 -12.35 22.11 14.34
C ILE D 154 -13.75 22.32 14.91
N PHE D 155 -13.86 22.16 16.22
CA PHE D 155 -15.15 22.21 16.89
C PHE D 155 -15.27 23.48 17.73
N GLY D 156 -16.50 23.86 18.04
CA GLY D 156 -16.79 25.10 18.77
C GLY D 156 -16.18 25.19 20.16
N SER D 157 -15.92 24.02 20.73
CA SER D 157 -15.25 23.85 22.02
C SER D 157 -13.78 24.25 21.98
N GLY D 158 -13.21 24.27 20.77
CA GLY D 158 -11.78 24.50 20.60
C GLY D 158 -11.04 23.20 20.36
N LYS D 159 -11.74 22.08 20.44
CA LYS D 159 -11.14 20.79 20.15
C LYS D 159 -10.86 20.70 18.67
N VAL D 160 -9.75 20.06 18.34
CA VAL D 160 -9.30 19.90 16.96
C VAL D 160 -9.03 18.41 16.78
N VAL D 161 -9.44 17.84 15.66
CA VAL D 161 -9.16 16.46 15.33
C VAL D 161 -8.43 16.45 13.97
N ILE D 162 -7.27 15.83 13.92
CA ILE D 162 -6.50 15.72 12.68
C ILE D 162 -6.49 14.27 12.26
N THR D 163 -6.95 14.01 11.03
CA THR D 163 -7.04 12.66 10.51
C THR D 163 -6.24 12.54 9.22
N GLY D 164 -5.93 11.31 8.83
CA GLY D 164 -5.13 11.07 7.63
C GLY D 164 -3.63 11.05 7.88
N LEU D 165 -3.21 11.29 9.12
CA LEU D 165 -1.78 11.39 9.46
C LEU D 165 -0.96 10.09 9.32
N LYS D 166 0.31 10.24 8.97
CA LYS D 166 1.23 9.14 8.78
C LYS D 166 2.24 9.05 9.93
N SER D 167 2.43 10.16 10.64
CA SER D 167 3.39 10.21 11.76
C SER D 167 3.02 11.26 12.79
N GLU D 168 3.61 11.18 13.98
CA GLU D 168 3.45 12.18 15.04
C GLU D 168 4.09 13.48 14.63
N GLU D 169 5.21 13.40 13.89
CA GLU D 169 5.89 14.60 13.38
C GLU D 169 5.00 15.41 12.44
N ASP D 170 4.33 14.70 11.53
CA ASP D 170 3.34 15.32 10.66
C ASP D 170 2.20 15.92 11.48
N ALA D 171 1.84 15.26 12.57
CA ALA D 171 0.78 15.79 13.45
C ALA D 171 1.20 17.14 14.01
N LYS D 172 2.46 17.26 14.40
CA LYS D 172 3.03 18.51 14.91
C LYS D 172 3.05 19.59 13.83
N ARG D 173 3.53 19.23 12.63
CA ARG D 173 3.51 20.15 11.50
C ARG D 173 2.09 20.64 11.17
N ALA D 174 1.14 19.71 11.13
CA ALA D 174 -0.28 20.02 10.94
C ALA D 174 -0.77 21.08 11.92
N LEU D 175 -0.53 20.84 13.21
CA LEU D 175 -0.98 21.74 14.29
C LEU D 175 -0.43 23.17 14.13
N LYS D 176 0.88 23.29 13.87
CA LYS D 176 1.48 24.60 13.60
C LYS D 176 0.69 25.34 12.51
N LYS D 177 0.46 24.68 11.37
CA LYS D 177 -0.25 25.27 10.24
C LYS D 177 -1.67 25.67 10.62
N ILE D 178 -2.35 24.81 11.38
CA ILE D 178 -3.70 25.10 11.85
C ILE D 178 -3.67 26.34 12.74
N LEU D 179 -2.78 26.33 13.73
CA LEU D 179 -2.64 27.43 14.68
C LEU D 179 -2.22 28.74 14.04
N ASP D 180 -1.34 28.67 13.04
CA ASP D 180 -0.93 29.87 12.30
C ASP D 180 -2.07 30.43 11.44
N THR D 181 -2.90 29.55 10.86
CA THR D 181 -4.04 30.01 10.04
C THR D 181 -5.16 30.61 10.88
N ILE D 182 -5.42 30.01 12.05
CA ILE D 182 -6.44 30.52 12.97
C ILE D 182 -6.01 31.85 13.61
N LYS D 183 -4.70 32.03 13.80
CA LYS D 183 -4.15 33.22 14.44
C LYS D 183 -4.67 34.55 13.88
N GLU D 184 -4.71 34.68 12.55
CA GLU D 184 -5.26 35.91 11.94
C GLU D 184 -6.67 36.17 12.44
N VAL D 185 -7.54 35.17 12.26
CA VAL D 185 -8.85 35.15 12.90
C VAL D 185 -8.61 34.91 14.40
#